data_6UW7
#
_entry.id   6UW7
#
_cell.length_a   46.120
_cell.length_b   73.300
_cell.length_c   90.338
_cell.angle_alpha   90.000
_cell.angle_beta   96.280
_cell.angle_gamma   90.000
#
_symmetry.space_group_name_H-M   'P 1 21 1'
#
loop_
_entity.id
_entity.type
_entity.pdbx_description
1 polymer 'Phosphoenolpyruvate transferase'
2 non-polymer GLYCEROL
3 non-polymer '2-[oxidanyl-[(2~{R},3~{S},4~{S})-2,3,4-tris(oxidanyl)-5-[2,4,8-tris(oxidanylidene)-1,9-dihydropyrimido[4,5-b]quinolin-10-yl]pentoxy]phosphoryl]oxyprop-2-enoic acid'
4 non-polymer 'CALCIUM ION'
5 water water
#
_entity_poly.entity_id   1
_entity_poly.type   'polypeptide(L)'
_entity_poly.pdbx_seq_one_letter_code
;MKITVLVGGVGGARFLLGVQNLLGLGSFADGPSKHELTAVVNIGDDAWMHGVRICPDLDTCMYTLGGGIDPDRGWGHRNE
TWNAKEELAAYGVQPDWFGLGDRDLATHLVRSQMLRAGYPLSQVTEALCKRWQPGARLLPASDERSETHVVITDPTDGER
RAIHFQEWWVRYRAKVPTHSFAYVGADQATAGPGVVEAIGDADIVLLAPSNPVVSIGPILQIPGIRGALRSTSAPVIGYS
PIIAGKPLRGMADECLKVIGVESTSQAVGEFFGARAGTGLLDGWLVHEGDHAQIEGVKVKAVPLLMTDPEATAAMVRAGL
DLAGVSL
;
_entity_poly.pdbx_strand_id   B,A
#
loop_
_chem_comp.id
_chem_comp.type
_chem_comp.name
_chem_comp.formula
CA non-polymer 'CALCIUM ION' 'Ca 2'
GOL non-polymer GLYCEROL 'C3 H8 O3'
QMD non-polymer '2-[oxidanyl-[(2~{R},3~{S},4~{S})-2,3,4-tris(oxidanyl)-5-[2,4,8-tris(oxidanylidene)-1,9-dihydropyrimido[4,5-b]quinolin-10-yl]pentoxy]phosphoryl]oxyprop-2-enoic acid' 'C19 H20 N3 O12 P'
#
# COMPACT_ATOMS: atom_id res chain seq x y z
N MET A 1 8.11 -38.91 6.81
CA MET A 1 8.77 -37.80 7.49
C MET A 1 8.72 -36.55 6.62
N LYS A 2 9.21 -36.61 5.37
CA LYS A 2 9.41 -35.40 4.57
C LYS A 2 8.76 -35.52 3.19
N ILE A 3 7.80 -34.63 2.90
CA ILE A 3 7.12 -34.57 1.60
C ILE A 3 7.35 -33.20 0.94
N THR A 4 7.73 -33.22 -0.32
CA THR A 4 7.88 -32.01 -1.12
C THR A 4 6.88 -32.05 -2.26
N VAL A 5 6.14 -30.97 -2.42
CA VAL A 5 5.12 -30.85 -3.45
C VAL A 5 5.42 -29.60 -4.25
N LEU A 6 5.34 -29.70 -5.59
CA LEU A 6 5.41 -28.52 -6.44
C LEU A 6 3.99 -28.06 -6.71
N VAL A 7 3.73 -26.75 -6.57
CA VAL A 7 2.37 -26.26 -6.60
C VAL A 7 2.29 -24.93 -7.32
N GLY A 8 1.10 -24.67 -7.84
CA GLY A 8 0.71 -23.44 -8.50
C GLY A 8 -0.80 -23.39 -8.54
N GLY A 9 -1.40 -22.23 -8.32
CA GLY A 9 -2.86 -22.07 -8.47
C GLY A 9 -3.70 -22.62 -7.34
N VAL A 10 -5.00 -22.49 -7.50
CA VAL A 10 -6.01 -22.95 -6.50
C VAL A 10 -5.87 -24.45 -6.30
N GLY A 11 -5.65 -25.21 -7.37
CA GLY A 11 -5.57 -26.65 -7.22
C GLY A 11 -4.35 -27.10 -6.45
N GLY A 12 -3.25 -26.37 -6.59
CA GLY A 12 -2.09 -26.61 -5.75
C GLY A 12 -2.43 -26.48 -4.27
N ALA A 13 -3.06 -25.38 -3.89
CA ALA A 13 -3.46 -25.21 -2.49
C ALA A 13 -4.35 -26.35 -2.02
N ARG A 14 -5.36 -26.70 -2.81
CA ARG A 14 -6.26 -27.76 -2.37
C ARG A 14 -5.52 -29.09 -2.26
N PHE A 15 -4.58 -29.32 -3.16
CA PHE A 15 -3.79 -30.57 -3.07
C PHE A 15 -2.99 -30.55 -1.78
N LEU A 16 -2.45 -29.39 -1.40
CA LEU A 16 -1.75 -29.28 -0.13
C LEU A 16 -2.65 -29.54 1.07
N LEU A 17 -3.93 -29.14 0.99
CA LEU A 17 -4.87 -29.51 2.04
C LEU A 17 -4.97 -31.02 2.16
N GLY A 18 -5.06 -31.72 1.01
CA GLY A 18 -5.14 -33.18 1.07
C GLY A 18 -3.95 -33.80 1.77
N VAL A 19 -2.75 -33.26 1.50
CA VAL A 19 -1.54 -33.79 2.13
C VAL A 19 -1.59 -33.58 3.64
N GLN A 20 -1.91 -32.34 4.07
CA GLN A 20 -1.96 -32.07 5.51
C GLN A 20 -2.94 -32.99 6.20
N ASN A 21 -4.11 -33.21 5.59
CA ASN A 21 -5.13 -34.04 6.22
C ASN A 21 -4.66 -35.49 6.34
N LEU A 22 -4.02 -36.01 5.29
CA LEU A 22 -3.45 -37.34 5.37
C LEU A 22 -2.46 -37.45 6.52
N LEU A 23 -1.62 -36.42 6.71
CA LEU A 23 -0.50 -36.49 7.63
C LEU A 23 -0.77 -35.82 8.98
N GLY A 24 -1.99 -35.35 9.22
CA GLY A 24 -2.27 -34.64 10.46
C GLY A 24 -1.45 -33.37 10.65
N LEU A 25 -1.46 -32.48 9.66
CA LEU A 25 -0.70 -31.23 9.71
C LEU A 25 -1.62 -30.02 9.64
N GLY A 26 -1.11 -28.88 10.11
CA GLY A 26 -1.87 -27.65 10.00
C GLY A 26 -3.20 -27.78 10.70
N SER A 27 -4.27 -27.33 10.03
CA SER A 27 -5.59 -27.30 10.61
C SER A 27 -6.17 -28.69 10.82
N PHE A 28 -5.58 -29.72 10.22
CA PHE A 28 -6.02 -31.10 10.38
C PHE A 28 -5.31 -31.83 11.51
N ALA A 29 -4.46 -31.13 12.26
CA ALA A 29 -3.65 -31.80 13.26
C ALA A 29 -4.51 -32.31 14.42
N ASP A 30 -4.23 -33.54 14.85
CA ASP A 30 -4.70 -34.00 16.16
C ASP A 30 -3.54 -34.77 16.80
N GLY A 31 -2.76 -34.09 17.62
CA GLY A 31 -1.64 -34.70 18.27
C GLY A 31 -0.34 -34.40 17.56
N PRO A 32 0.75 -34.97 18.08
CA PRO A 32 2.09 -34.54 17.65
C PRO A 32 2.30 -34.82 16.17
N SER A 33 2.83 -33.81 15.48
CA SER A 33 3.11 -33.93 14.06
C SER A 33 4.34 -34.81 13.83
N LYS A 34 4.16 -35.89 13.07
CA LYS A 34 5.26 -36.76 12.71
C LYS A 34 5.94 -36.38 11.39
N HIS A 35 5.29 -35.59 10.54
CA HIS A 35 5.80 -35.29 9.21
C HIS A 35 5.94 -33.80 9.03
N GLU A 36 6.82 -33.43 8.08
CA GLU A 36 6.98 -32.07 7.67
C GLU A 36 6.66 -31.98 6.17
N LEU A 37 5.93 -30.94 5.78
CA LEU A 37 5.47 -30.75 4.41
C LEU A 37 6.08 -29.47 3.85
N THR A 38 6.73 -29.59 2.70
CA THR A 38 7.31 -28.43 2.02
C THR A 38 6.67 -28.26 0.65
N ALA A 39 6.25 -27.05 0.35
CA ALA A 39 5.72 -26.69 -0.95
C ALA A 39 6.74 -25.83 -1.68
N VAL A 40 7.03 -26.17 -2.93
CA VAL A 40 7.80 -25.32 -3.82
C VAL A 40 6.77 -24.62 -4.72
N VAL A 41 6.70 -23.29 -4.60
CA VAL A 41 5.54 -22.54 -5.04
C VAL A 41 5.95 -21.68 -6.24
N ASN A 42 5.23 -21.85 -7.33
CA ASN A 42 5.46 -21.06 -8.54
C ASN A 42 5.48 -19.58 -8.21
N ILE A 43 6.41 -18.87 -8.83
CA ILE A 43 6.48 -17.41 -8.73
C ILE A 43 6.24 -16.74 -10.08
N GLY A 44 5.97 -17.53 -11.13
CA GLY A 44 5.80 -17.01 -12.48
C GLY A 44 4.61 -16.09 -12.66
N ASP A 45 3.62 -16.12 -11.76
CA ASP A 45 2.43 -15.22 -11.88
C ASP A 45 2.64 -13.90 -11.13
N ASP A 46 3.71 -13.77 -10.35
CA ASP A 46 4.00 -12.57 -9.52
C ASP A 46 4.12 -11.30 -10.37
N ALA A 47 3.44 -10.24 -9.96
CA ALA A 47 3.47 -9.00 -10.72
C ALA A 47 3.53 -7.83 -9.77
N TRP A 48 4.17 -6.75 -10.19
CA TRP A 48 3.99 -5.45 -9.56
C TRP A 48 2.72 -4.82 -10.13
N MET A 49 1.78 -4.47 -9.25
CA MET A 49 0.54 -3.83 -9.65
C MET A 49 0.28 -2.68 -8.69
N HIS A 50 0.08 -1.48 -9.26
CA HIS A 50 -0.16 -0.29 -8.45
C HIS A 50 0.92 -0.07 -7.40
N GLY A 51 2.15 -0.48 -7.67
CA GLY A 51 3.24 -0.22 -6.76
C GLY A 51 3.41 -1.23 -5.65
N VAL A 52 2.62 -2.31 -5.63
CA VAL A 52 2.77 -3.36 -4.64
C VAL A 52 3.00 -4.69 -5.36
N ARG A 53 3.69 -5.60 -4.66
CA ARG A 53 4.07 -6.88 -5.22
C ARG A 53 3.01 -7.93 -4.90
N ILE A 54 2.34 -8.43 -5.93
CA ILE A 54 1.32 -9.49 -5.78
C ILE A 54 1.97 -10.86 -6.03
N CYS A 55 1.90 -11.76 -5.06
CA CYS A 55 2.42 -13.14 -5.27
C CYS A 55 1.22 -14.07 -5.17
N PRO A 56 0.49 -14.30 -6.26
CA PRO A 56 -0.76 -15.07 -6.22
C PRO A 56 -0.69 -16.53 -5.76
N ASP A 57 0.28 -17.29 -6.25
CA ASP A 57 0.42 -18.71 -5.81
C ASP A 57 0.84 -18.79 -4.34
N LEU A 58 1.75 -17.94 -3.90
CA LEU A 58 2.15 -18.01 -2.47
C LEU A 58 0.95 -17.63 -1.59
N ASP A 59 0.22 -16.59 -1.97
CA ASP A 59 -0.96 -16.11 -1.21
C ASP A 59 -2.07 -17.16 -1.25
N THR A 60 -2.29 -17.77 -2.42
CA THR A 60 -3.34 -18.80 -2.50
C THR A 60 -3.02 -19.93 -1.53
N CYS A 61 -1.77 -20.40 -1.51
CA CYS A 61 -1.40 -21.45 -0.56
C CYS A 61 -1.52 -20.97 0.88
N MET A 62 -0.92 -19.83 1.18
CA MET A 62 -0.96 -19.28 2.54
C MET A 62 -2.40 -19.10 3.02
N TYR A 63 -3.23 -18.42 2.24
CA TYR A 63 -4.63 -18.19 2.61
C TYR A 63 -5.41 -19.49 2.73
N THR A 64 -5.24 -20.40 1.79
CA THR A 64 -6.00 -21.64 1.86
C THR A 64 -5.63 -22.46 3.10
N LEU A 65 -4.33 -22.74 3.28
CA LEU A 65 -3.90 -23.55 4.42
C LEU A 65 -4.13 -22.86 5.76
N GLY A 66 -4.22 -21.54 5.79
CA GLY A 66 -4.47 -20.77 6.99
C GLY A 66 -5.93 -20.40 7.20
N GLY A 67 -6.82 -20.81 6.30
CA GLY A 67 -8.24 -20.64 6.50
C GLY A 67 -8.79 -19.28 6.13
N GLY A 68 -8.06 -18.49 5.36
CA GLY A 68 -8.51 -17.16 4.97
C GLY A 68 -8.92 -16.99 3.53
N ILE A 69 -8.95 -18.07 2.73
CA ILE A 69 -9.16 -17.94 1.30
C ILE A 69 -10.62 -17.71 1.01
N ASP A 70 -10.91 -17.11 -0.14
CA ASP A 70 -12.29 -17.01 -0.54
C ASP A 70 -12.75 -18.29 -1.21
N PRO A 71 -13.84 -18.91 -0.73
CA PRO A 71 -14.28 -20.18 -1.33
C PRO A 71 -14.85 -20.01 -2.73
N ASP A 72 -15.68 -19.00 -2.93
CA ASP A 72 -16.26 -18.77 -4.26
C ASP A 72 -15.17 -18.63 -5.31
N ARG A 73 -14.18 -17.77 -5.06
CA ARG A 73 -13.20 -17.42 -6.09
C ARG A 73 -11.99 -18.33 -6.10
N GLY A 74 -11.54 -18.83 -4.95
CA GLY A 74 -10.30 -19.56 -4.89
C GLY A 74 -9.05 -18.72 -4.89
N TRP A 75 -9.20 -17.40 -4.86
CA TRP A 75 -8.04 -16.50 -4.78
C TRP A 75 -8.43 -15.29 -3.93
N GLY A 76 -7.46 -14.67 -3.27
CA GLY A 76 -7.74 -13.53 -2.42
C GLY A 76 -8.41 -13.95 -1.12
N HIS A 77 -8.81 -12.92 -0.38
CA HIS A 77 -9.21 -13.01 1.01
C HIS A 77 -10.72 -13.26 1.10
N ARG A 78 -11.13 -13.88 2.19
CA ARG A 78 -12.54 -14.07 2.50
C ARG A 78 -13.14 -12.77 3.07
N ASN A 79 -14.46 -12.64 2.97
CA ASN A 79 -15.14 -11.45 3.48
C ASN A 79 -14.52 -10.17 2.93
N GLU A 80 -14.28 -10.15 1.62
CA GLU A 80 -13.50 -9.07 1.04
C GLU A 80 -14.39 -7.86 0.72
N THR A 81 -13.82 -6.68 0.85
CA THR A 81 -14.42 -5.44 0.35
C THR A 81 -13.48 -4.88 -0.70
N TRP A 82 -14.03 -4.00 -1.55
CA TRP A 82 -13.35 -3.49 -2.73
C TRP A 82 -13.39 -1.96 -2.77
N ASN A 83 -13.35 -1.31 -1.62
CA ASN A 83 -13.47 0.14 -1.58
C ASN A 83 -12.23 0.81 -2.16
N ALA A 84 -11.04 0.26 -1.89
CA ALA A 84 -9.83 0.83 -2.44
C ALA A 84 -9.79 0.65 -3.96
N LYS A 85 -10.24 -0.50 -4.45
CA LYS A 85 -10.35 -0.72 -5.88
C LYS A 85 -11.32 0.28 -6.52
N GLU A 86 -12.52 0.41 -5.98
CA GLU A 86 -13.47 1.40 -6.50
C GLU A 86 -12.84 2.79 -6.51
N GLU A 87 -12.11 3.14 -5.43
CA GLU A 87 -11.51 4.46 -5.35
C GLU A 87 -10.40 4.62 -6.39
N LEU A 88 -9.61 3.57 -6.61
CA LEU A 88 -8.64 3.60 -7.70
C LEU A 88 -9.33 3.86 -9.03
N ALA A 89 -10.44 3.15 -9.27
CA ALA A 89 -11.23 3.40 -10.46
C ALA A 89 -11.68 4.85 -10.55
N ALA A 90 -12.13 5.43 -9.43
CA ALA A 90 -12.60 6.82 -9.43
C ALA A 90 -11.48 7.80 -9.78
N TYR A 91 -10.24 7.48 -9.41
CA TYR A 91 -9.12 8.30 -9.86
C TYR A 91 -8.81 8.11 -11.34
N GLY A 92 -9.42 7.12 -12.00
CA GLY A 92 -9.21 6.88 -13.42
C GLY A 92 -7.86 6.32 -13.78
N VAL A 93 -7.33 5.39 -12.99
CA VAL A 93 -6.00 4.88 -13.21
C VAL A 93 -6.07 3.48 -13.81
N GLN A 94 -4.93 2.99 -14.31
CA GLN A 94 -4.73 1.69 -14.91
C GLN A 94 -3.61 0.96 -14.18
N PRO A 95 -3.68 -0.36 -14.05
CA PRO A 95 -4.74 -1.18 -14.63
C PRO A 95 -6.03 -1.15 -13.80
N ASP A 96 -7.16 -1.08 -14.47
CA ASP A 96 -8.46 -1.09 -13.79
C ASP A 96 -9.09 -2.46 -13.78
N TRP A 97 -8.33 -3.46 -14.21
CA TRP A 97 -8.85 -4.84 -14.38
C TRP A 97 -8.37 -5.84 -13.33
N PHE A 98 -7.40 -5.50 -12.50
CA PHE A 98 -6.91 -6.50 -11.51
C PHE A 98 -7.62 -6.25 -10.18
N GLY A 99 -8.26 -7.27 -9.63
CA GLY A 99 -8.98 -7.05 -8.37
C GLY A 99 -8.08 -7.04 -7.15
N LEU A 100 -7.85 -5.87 -6.58
CA LEU A 100 -7.04 -5.70 -5.36
C LEU A 100 -8.00 -5.40 -4.21
N GLY A 101 -8.37 -6.44 -3.45
CA GLY A 101 -9.29 -6.28 -2.35
C GLY A 101 -8.66 -5.56 -1.16
N ASP A 102 -9.53 -5.02 -0.31
CA ASP A 102 -9.06 -4.25 0.85
C ASP A 102 -8.26 -5.13 1.82
N ARG A 103 -8.82 -6.28 2.22
CA ARG A 103 -8.12 -7.14 3.15
C ARG A 103 -6.85 -7.67 2.53
N ASP A 104 -6.97 -8.09 1.28
CA ASP A 104 -5.81 -8.64 0.55
C ASP A 104 -4.72 -7.57 0.43
N LEU A 105 -5.10 -6.29 0.33
CA LEU A 105 -4.09 -5.25 0.15
C LEU A 105 -3.07 -5.24 1.29
N ALA A 106 -3.53 -5.51 2.53
CA ALA A 106 -2.61 -5.53 3.67
C ALA A 106 -1.47 -6.51 3.45
N THR A 107 -1.76 -7.69 2.88
CA THR A 107 -0.70 -8.62 2.54
C THR A 107 0.30 -7.96 1.61
N HIS A 108 -0.22 -7.37 0.54
CA HIS A 108 0.63 -6.70 -0.48
C HIS A 108 1.39 -5.53 0.13
N LEU A 109 0.78 -4.77 1.03
CA LEU A 109 1.48 -3.65 1.66
C LEU A 109 2.68 -4.13 2.48
N VAL A 110 2.47 -5.17 3.29
CA VAL A 110 3.54 -5.66 4.16
C VAL A 110 4.65 -6.27 3.31
N ARG A 111 4.27 -7.10 2.34
CA ARG A 111 5.24 -7.68 1.42
C ARG A 111 6.08 -6.61 0.72
N SER A 112 5.44 -5.58 0.17
CA SER A 112 6.18 -4.60 -0.63
C SER A 112 7.13 -3.79 0.25
N GLN A 113 6.65 -3.34 1.40
CA GLN A 113 7.51 -2.63 2.35
C GLN A 113 8.72 -3.47 2.72
N MET A 114 8.54 -4.78 2.89
CA MET A 114 9.66 -5.64 3.29
C MET A 114 10.62 -5.87 2.13
N LEU A 115 10.08 -6.10 0.93
CA LEU A 115 10.94 -6.32 -0.23
C LEU A 115 11.77 -5.08 -0.51
N ARG A 116 11.18 -3.89 -0.35
CA ARG A 116 11.90 -2.66 -0.62
C ARG A 116 12.87 -2.33 0.49
N ALA A 117 12.73 -2.96 1.64
CA ALA A 117 13.71 -2.78 2.70
C ALA A 117 14.81 -3.83 2.65
N GLY A 118 14.81 -4.69 1.64
CA GLY A 118 15.92 -5.61 1.46
C GLY A 118 15.65 -7.04 1.85
N TYR A 119 14.44 -7.35 2.35
CA TYR A 119 14.11 -8.72 2.74
C TYR A 119 13.85 -9.57 1.50
N PRO A 120 14.43 -10.75 1.40
CA PRO A 120 14.11 -11.63 0.28
C PRO A 120 12.74 -12.27 0.46
N LEU A 121 12.15 -12.64 -0.68
CA LEU A 121 10.78 -13.13 -0.69
C LEU A 121 10.58 -14.29 0.29
N SER A 122 11.58 -15.16 0.44
CA SER A 122 11.40 -16.30 1.33
C SER A 122 11.18 -15.85 2.77
N GLN A 123 11.91 -14.84 3.24
CA GLN A 123 11.71 -14.34 4.60
C GLN A 123 10.42 -13.53 4.72
N VAL A 124 10.05 -12.79 3.69
CA VAL A 124 8.75 -12.11 3.70
C VAL A 124 7.64 -13.14 3.87
N THR A 125 7.67 -14.19 3.05
CA THR A 125 6.67 -15.26 3.16
C THR A 125 6.65 -15.86 4.56
N GLU A 126 7.84 -16.12 5.12
CA GLU A 126 7.91 -16.62 6.49
C GLU A 126 7.31 -15.62 7.46
N ALA A 127 7.60 -14.34 7.27
CA ALA A 127 7.00 -13.32 8.14
C ALA A 127 5.48 -13.35 8.05
N LEU A 128 4.94 -13.31 6.81
CA LEU A 128 3.48 -13.33 6.66
C LEU A 128 2.87 -14.62 7.24
N CYS A 129 3.58 -15.75 7.13
CA CYS A 129 3.04 -17.01 7.61
C CYS A 129 3.04 -17.13 9.14
N LYS A 130 3.78 -16.26 9.85
CA LYS A 130 3.63 -16.22 11.31
C LYS A 130 2.19 -15.92 11.70
N ARG A 131 1.47 -15.18 10.87
CA ARG A 131 0.07 -14.88 11.16
C ARG A 131 -0.86 -16.00 10.70
N TRP A 132 -0.63 -16.56 9.51
CA TRP A 132 -1.58 -17.53 8.96
C TRP A 132 -1.36 -18.95 9.47
N GLN A 133 -0.17 -19.27 10.00
CA GLN A 133 0.19 -20.60 10.49
C GLN A 133 -0.31 -21.69 9.52
N PRO A 134 0.18 -21.70 8.30
CA PRO A 134 -0.35 -22.66 7.31
C PRO A 134 -0.07 -24.11 7.66
N GLY A 135 0.89 -24.38 8.54
CA GLY A 135 1.24 -25.75 8.83
C GLY A 135 2.01 -26.43 7.71
N ALA A 136 2.60 -25.66 6.81
CA ALA A 136 3.48 -26.18 5.77
C ALA A 136 4.53 -25.13 5.48
N ARG A 137 5.66 -25.57 4.97
CA ARG A 137 6.76 -24.67 4.63
C ARG A 137 6.55 -24.25 3.17
N LEU A 138 6.26 -22.96 2.96
CA LEU A 138 5.91 -22.42 1.65
C LEU A 138 7.14 -21.72 1.08
N LEU A 139 7.82 -22.41 0.17
CA LEU A 139 9.08 -21.95 -0.40
C LEU A 139 8.84 -21.33 -1.76
N PRO A 140 9.03 -20.03 -1.93
CA PRO A 140 9.06 -19.47 -3.29
C PRO A 140 10.08 -20.22 -4.12
N ALA A 141 9.67 -20.61 -5.35
CA ALA A 141 10.61 -21.30 -6.25
C ALA A 141 11.93 -20.53 -6.36
N SER A 142 11.86 -19.21 -6.32
CA SER A 142 13.05 -18.37 -6.38
C SER A 142 12.75 -17.10 -5.60
N ASP A 143 13.80 -16.56 -4.97
CA ASP A 143 13.74 -15.20 -4.44
C ASP A 143 14.02 -14.15 -5.51
N GLU A 144 14.45 -14.54 -6.71
CA GLU A 144 14.66 -13.58 -7.79
C GLU A 144 13.45 -13.58 -8.73
N ARG A 145 13.42 -12.60 -9.65
CA ARG A 145 12.29 -12.43 -10.56
C ARG A 145 12.32 -13.45 -11.68
N SER A 146 11.20 -14.11 -11.90
CA SER A 146 11.03 -15.07 -12.99
C SER A 146 9.55 -15.04 -13.35
N GLU A 147 9.19 -14.20 -14.32
CA GLU A 147 7.79 -13.95 -14.59
C GLU A 147 7.39 -14.50 -15.95
N THR A 148 6.23 -15.16 -15.97
CA THR A 148 5.71 -15.74 -17.19
C THR A 148 5.12 -14.63 -18.06
N HIS A 149 5.54 -14.57 -19.32
CA HIS A 149 5.04 -13.61 -20.29
C HIS A 149 4.40 -14.34 -21.45
N VAL A 150 3.46 -13.66 -22.11
CA VAL A 150 2.65 -14.24 -23.17
C VAL A 150 2.80 -13.38 -24.41
N VAL A 151 3.10 -14.01 -25.54
CA VAL A 151 3.17 -13.33 -26.83
C VAL A 151 1.82 -13.44 -27.51
N ILE A 152 1.18 -12.29 -27.80
CA ILE A 152 -0.16 -12.25 -28.36
C ILE A 152 -0.15 -11.41 -29.63
N THR A 153 -1.24 -11.50 -30.38
CA THR A 153 -1.59 -10.48 -31.36
C THR A 153 -2.57 -9.51 -30.72
N ASP A 154 -2.18 -8.24 -30.63
CA ASP A 154 -3.03 -7.25 -29.99
C ASP A 154 -4.26 -7.00 -30.84
N PRO A 155 -5.47 -7.11 -30.30
CA PRO A 155 -6.67 -6.87 -31.12
C PRO A 155 -6.85 -5.43 -31.54
N THR A 156 -6.36 -4.47 -30.75
CA THR A 156 -6.52 -3.07 -31.12
C THR A 156 -5.81 -2.75 -32.43
N ASP A 157 -4.66 -3.40 -32.68
CA ASP A 157 -3.85 -2.97 -33.82
C ASP A 157 -3.18 -4.13 -34.57
N GLY A 158 -3.49 -5.38 -34.27
CA GLY A 158 -2.92 -6.49 -35.00
C GLY A 158 -1.43 -6.65 -34.85
N GLU A 159 -0.82 -5.95 -33.91
CA GLU A 159 0.61 -6.05 -33.66
C GLU A 159 0.90 -7.14 -32.63
N ARG A 160 2.06 -7.76 -32.78
CA ARG A 160 2.57 -8.69 -31.78
C ARG A 160 3.09 -7.92 -30.57
N ARG A 161 2.53 -8.20 -29.41
CA ARG A 161 3.04 -7.69 -28.15
C ARG A 161 3.25 -8.85 -27.19
N ALA A 162 4.07 -8.60 -26.18
CA ALA A 162 4.20 -9.48 -25.04
C ALA A 162 3.54 -8.80 -23.84
N ILE A 163 2.78 -9.57 -23.09
CA ILE A 163 2.08 -9.09 -21.91
C ILE A 163 2.37 -10.07 -20.80
N HIS A 164 2.28 -9.58 -19.58
CA HIS A 164 2.39 -10.41 -18.39
C HIS A 164 1.24 -11.41 -18.30
N PHE A 165 1.49 -12.60 -17.76
CA PHE A 165 0.47 -13.63 -17.52
C PHE A 165 -0.84 -13.06 -16.94
N GLN A 166 -0.73 -12.11 -16.01
CA GLN A 166 -1.88 -11.48 -15.32
C GLN A 166 -2.75 -10.72 -16.31
N GLU A 167 -2.17 -10.00 -17.27
CA GLU A 167 -2.97 -9.30 -18.26
C GLU A 167 -3.64 -10.29 -19.21
N TRP A 168 -2.90 -11.35 -19.56
CA TRP A 168 -3.44 -12.39 -20.43
C TRP A 168 -4.63 -13.07 -19.78
N TRP A 169 -4.44 -13.52 -18.56
CA TRP A 169 -5.46 -14.33 -17.86
C TRP A 169 -6.59 -13.49 -17.26
N VAL A 170 -6.29 -12.37 -16.65
CA VAL A 170 -7.38 -11.65 -15.93
C VAL A 170 -8.05 -10.66 -16.86
N ARG A 171 -7.26 -9.95 -17.65
CA ARG A 171 -7.81 -8.90 -18.51
C ARG A 171 -8.42 -9.48 -19.78
N TYR A 172 -7.72 -10.36 -20.48
CA TYR A 172 -8.24 -10.93 -21.71
C TYR A 172 -8.87 -12.29 -21.53
N ARG A 173 -8.75 -12.89 -20.35
CA ARG A 173 -9.24 -14.27 -20.11
C ARG A 173 -8.73 -15.20 -21.21
N ALA A 174 -7.55 -14.91 -21.77
CA ALA A 174 -6.95 -15.70 -22.85
C ALA A 174 -7.79 -15.71 -24.13
N LYS A 175 -8.67 -14.74 -24.28
CA LYS A 175 -9.49 -14.59 -25.48
C LYS A 175 -8.83 -13.65 -26.47
N VAL A 176 -7.56 -13.92 -26.72
CA VAL A 176 -6.76 -13.11 -27.64
C VAL A 176 -5.86 -14.09 -28.37
N PRO A 177 -5.58 -13.89 -29.66
CA PRO A 177 -4.64 -14.81 -30.36
C PRO A 177 -3.31 -14.87 -29.63
N THR A 178 -2.97 -16.08 -29.17
CA THR A 178 -1.83 -16.34 -28.31
C THR A 178 -0.87 -17.27 -29.04
N HIS A 179 0.41 -16.92 -29.02
CA HIS A 179 1.41 -17.63 -29.81
C HIS A 179 2.47 -18.38 -29.01
N SER A 180 2.87 -17.88 -27.85
CA SER A 180 3.90 -18.59 -27.11
C SER A 180 3.95 -18.03 -25.70
N PHE A 181 4.53 -18.82 -24.79
CA PHE A 181 4.89 -18.36 -23.46
C PHE A 181 6.39 -18.12 -23.38
N ALA A 182 6.78 -17.13 -22.60
CA ALA A 182 8.18 -16.80 -22.38
C ALA A 182 8.43 -16.70 -20.88
N TYR A 183 9.43 -17.41 -20.40
CA TYR A 183 9.82 -17.43 -18.98
C TYR A 183 10.97 -16.46 -18.79
N VAL A 184 10.60 -15.20 -18.62
CA VAL A 184 11.59 -14.12 -18.58
C VAL A 184 12.23 -14.11 -17.20
N GLY A 185 13.55 -14.25 -17.16
CA GLY A 185 14.29 -14.28 -15.93
C GLY A 185 14.57 -15.66 -15.38
N ALA A 186 13.91 -16.69 -15.89
CA ALA A 186 14.07 -18.09 -15.39
C ALA A 186 15.54 -18.52 -15.37
N ASP A 187 16.25 -18.33 -16.47
CA ASP A 187 17.69 -18.65 -16.65
C ASP A 187 18.59 -17.82 -15.73
N GLN A 188 18.14 -16.65 -15.33
CA GLN A 188 18.93 -15.82 -14.42
C GLN A 188 18.50 -15.98 -12.96
N ALA A 189 17.54 -16.84 -12.67
CA ALA A 189 16.95 -16.94 -11.33
C ALA A 189 17.58 -18.11 -10.58
N THR A 190 18.17 -17.84 -9.42
CA THR A 190 18.69 -18.93 -8.59
C THR A 190 17.56 -19.62 -7.83
N ALA A 191 17.73 -20.92 -7.60
CA ALA A 191 16.78 -21.66 -6.78
C ALA A 191 16.71 -21.05 -5.38
N GLY A 192 15.49 -20.86 -4.89
CA GLY A 192 15.29 -20.16 -3.64
C GLY A 192 15.79 -20.95 -2.44
N PRO A 193 16.03 -20.27 -1.33
CA PRO A 193 16.62 -20.95 -0.16
C PRO A 193 15.78 -22.15 0.26
N GLY A 194 16.46 -23.30 0.45
CA GLY A 194 15.80 -24.52 0.85
C GLY A 194 15.20 -25.34 -0.28
N VAL A 195 15.09 -24.79 -1.48
CA VAL A 195 14.33 -25.47 -2.53
C VAL A 195 15.04 -26.74 -2.96
N VAL A 196 16.30 -26.62 -3.40
CA VAL A 196 17.03 -27.79 -3.88
C VAL A 196 17.15 -28.83 -2.77
N GLU A 197 17.40 -28.37 -1.54
CA GLU A 197 17.50 -29.29 -0.40
C GLU A 197 16.18 -30.01 -0.13
N ALA A 198 15.04 -29.29 -0.20
CA ALA A 198 13.76 -29.93 0.02
C ALA A 198 13.44 -30.97 -1.05
N ILE A 199 13.94 -30.76 -2.26
CA ILE A 199 13.75 -31.76 -3.30
C ILE A 199 14.75 -32.90 -3.14
N GLY A 200 15.97 -32.58 -2.73
CA GLY A 200 16.97 -33.63 -2.59
C GLY A 200 16.71 -34.53 -1.41
N ASP A 201 16.23 -33.97 -0.30
CA ASP A 201 16.09 -34.73 0.94
C ASP A 201 14.68 -35.26 1.15
N ALA A 202 13.78 -35.05 0.21
CA ALA A 202 12.42 -35.53 0.39
C ALA A 202 12.36 -37.06 0.35
N ASP A 203 11.37 -37.61 1.07
CA ASP A 203 11.04 -39.02 0.92
C ASP A 203 10.22 -39.27 -0.34
N ILE A 204 9.43 -38.30 -0.75
CA ILE A 204 8.71 -38.34 -2.01
C ILE A 204 8.49 -36.91 -2.46
N VAL A 205 8.51 -36.69 -3.78
CA VAL A 205 8.19 -35.41 -4.37
C VAL A 205 6.92 -35.60 -5.18
N LEU A 206 5.93 -34.74 -4.96
CA LEU A 206 4.69 -34.80 -5.71
C LEU A 206 4.53 -33.56 -6.58
N LEU A 207 4.10 -33.80 -7.81
CA LEU A 207 3.73 -32.72 -8.76
C LEU A 207 2.22 -32.59 -8.64
N ALA A 208 1.76 -31.47 -8.11
CA ALA A 208 0.32 -31.27 -7.87
C ALA A 208 -0.42 -31.20 -9.20
N PRO A 209 -1.72 -31.51 -9.26
CA PRO A 209 -2.48 -31.37 -10.50
C PRO A 209 -2.92 -29.92 -10.79
N SER A 210 -1.91 -29.07 -10.91
CA SER A 210 -2.04 -27.63 -11.20
C SER A 210 -1.88 -27.41 -12.70
N ASN A 211 -1.95 -26.15 -13.13
CA ASN A 211 -1.77 -25.92 -14.58
C ASN A 211 -0.35 -26.37 -14.96
N PRO A 212 -0.22 -27.30 -15.93
CA PRO A 212 1.08 -27.81 -16.33
C PRO A 212 1.98 -26.80 -17.06
N VAL A 213 1.40 -25.83 -17.75
CA VAL A 213 2.22 -24.87 -18.51
C VAL A 213 2.53 -23.60 -17.69
N VAL A 214 1.52 -23.07 -17.03
CA VAL A 214 1.64 -21.78 -16.29
C VAL A 214 1.72 -21.97 -14.78
N SER A 215 1.56 -23.18 -14.25
CA SER A 215 1.75 -23.32 -12.77
C SER A 215 2.95 -24.21 -12.46
N ILE A 216 2.98 -25.44 -12.97
CA ILE A 216 4.12 -26.35 -12.68
C ILE A 216 5.28 -26.07 -13.63
N GLY A 217 5.02 -25.91 -14.93
CA GLY A 217 6.06 -25.63 -15.94
C GLY A 217 7.03 -24.51 -15.58
N PRO A 218 6.60 -23.32 -15.11
CA PRO A 218 7.50 -22.21 -14.78
C PRO A 218 8.53 -22.53 -13.67
N ILE A 219 8.13 -23.35 -12.71
CA ILE A 219 9.02 -23.84 -11.63
C ILE A 219 10.15 -24.67 -12.27
N LEU A 220 9.83 -25.48 -13.26
CA LEU A 220 10.78 -26.36 -13.97
C LEU A 220 11.81 -25.56 -14.79
N GLN A 221 11.48 -24.34 -15.20
CA GLN A 221 12.38 -23.40 -15.92
C GLN A 221 13.46 -22.84 -14.99
N ILE A 222 13.29 -22.90 -13.67
CA ILE A 222 14.38 -22.40 -12.79
C ILE A 222 15.46 -23.48 -12.92
N PRO A 223 16.67 -23.15 -13.41
CA PRO A 223 17.70 -24.13 -13.75
C PRO A 223 18.09 -25.10 -12.63
N GLY A 224 18.19 -24.63 -11.41
CA GLY A 224 18.53 -25.51 -10.31
C GLY A 224 17.41 -26.47 -9.91
N ILE A 225 16.16 -26.02 -10.03
CA ILE A 225 15.05 -26.86 -9.58
C ILE A 225 14.92 -28.10 -10.46
N ARG A 226 14.93 -27.90 -11.78
CA ARG A 226 14.81 -29.05 -12.67
C ARG A 226 15.96 -30.02 -12.46
N GLY A 227 17.16 -29.50 -12.16
CA GLY A 227 18.29 -30.37 -11.88
C GLY A 227 18.08 -31.20 -10.62
N ALA A 228 17.64 -30.57 -9.53
CA ALA A 228 17.40 -31.31 -8.30
C ALA A 228 16.40 -32.44 -8.52
N LEU A 229 15.35 -32.16 -9.28
CA LEU A 229 14.32 -33.17 -9.57
C LEU A 229 14.90 -34.37 -10.31
N ARG A 230 15.81 -34.13 -11.26
CA ARG A 230 16.32 -35.25 -12.04
C ARG A 230 17.23 -36.12 -11.21
N SER A 231 17.92 -35.54 -10.22
CA SER A 231 18.92 -36.27 -9.46
C SER A 231 18.49 -36.66 -8.06
N THR A 232 17.36 -36.15 -7.54
CA THR A 232 16.98 -36.53 -6.18
C THR A 232 16.72 -38.02 -6.09
N SER A 233 17.05 -38.59 -4.92
CA SER A 233 16.79 -40.00 -4.67
C SER A 233 15.31 -40.28 -4.49
N ALA A 234 14.48 -39.24 -4.26
CA ALA A 234 13.08 -39.51 -3.96
C ALA A 234 12.31 -39.87 -5.23
N PRO A 235 11.42 -40.86 -5.16
CA PRO A 235 10.44 -41.05 -6.23
C PRO A 235 9.72 -39.75 -6.54
N VAL A 236 9.52 -39.47 -7.83
CA VAL A 236 8.77 -38.30 -8.27
C VAL A 236 7.47 -38.78 -8.90
N ILE A 237 6.35 -38.31 -8.37
CA ILE A 237 5.02 -38.78 -8.75
C ILE A 237 4.23 -37.56 -9.17
N GLY A 238 3.63 -37.63 -10.36
CA GLY A 238 2.84 -36.53 -10.90
C GLY A 238 1.38 -36.88 -10.89
N TYR A 239 0.54 -35.86 -10.85
CA TYR A 239 -0.94 -35.97 -10.82
C TYR A 239 -1.51 -35.21 -12.02
N SER A 240 -2.23 -35.93 -12.89
CA SER A 240 -2.82 -35.34 -14.10
C SER A 240 -3.83 -34.26 -13.77
N PRO A 241 -3.77 -33.11 -14.43
CA PRO A 241 -4.74 -32.07 -14.23
C PRO A 241 -5.95 -32.29 -15.15
N ILE A 242 -5.90 -33.30 -16.03
CA ILE A 242 -7.00 -33.61 -16.94
C ILE A 242 -7.84 -34.72 -16.32
N ILE A 243 -9.15 -34.51 -16.27
CA ILE A 243 -10.03 -35.58 -15.78
C ILE A 243 -10.96 -36.11 -16.88
N ALA A 252 -6.44 -23.46 -18.82
CA ALA A 252 -5.67 -24.72 -18.73
C ALA A 252 -5.70 -25.42 -20.07
N ASP A 253 -6.91 -25.53 -20.62
CA ASP A 253 -7.05 -26.06 -21.97
C ASP A 253 -6.40 -25.11 -22.98
N GLU A 254 -6.57 -23.80 -22.78
CA GLU A 254 -5.94 -22.78 -23.62
C GLU A 254 -4.41 -22.88 -23.58
N CYS A 255 -3.83 -23.03 -22.39
CA CYS A 255 -2.36 -23.09 -22.25
C CYS A 255 -1.80 -24.30 -23.01
N LEU A 256 -2.47 -25.44 -22.97
CA LEU A 256 -1.94 -26.60 -23.68
C LEU A 256 -2.05 -26.38 -25.18
N LYS A 257 -3.12 -25.73 -25.61
CA LYS A 257 -3.31 -25.38 -27.01
C LYS A 257 -2.13 -24.55 -27.53
N VAL A 258 -1.80 -23.48 -26.81
CA VAL A 258 -0.72 -22.58 -27.24
C VAL A 258 0.56 -23.35 -27.49
N ILE A 259 0.87 -24.33 -26.64
CA ILE A 259 2.11 -25.06 -26.81
C ILE A 259 1.89 -26.31 -27.64
N GLY A 260 0.67 -26.54 -28.13
CA GLY A 260 0.42 -27.66 -29.02
C GLY A 260 0.52 -29.01 -28.34
N VAL A 261 0.01 -29.11 -27.12
CA VAL A 261 -0.10 -30.37 -26.41
C VAL A 261 -1.58 -30.72 -26.33
N GLU A 262 -1.92 -31.97 -26.66
CA GLU A 262 -3.32 -32.35 -26.58
C GLU A 262 -3.77 -32.39 -25.14
N SER A 263 -5.07 -32.15 -24.93
CA SER A 263 -5.64 -32.01 -23.58
C SER A 263 -6.06 -33.38 -23.04
N THR A 264 -5.05 -34.19 -22.72
CA THR A 264 -5.25 -35.55 -22.16
C THR A 264 -4.18 -35.87 -21.11
N SER A 265 -4.44 -36.85 -20.27
CA SER A 265 -3.49 -37.31 -19.22
C SER A 265 -2.26 -37.89 -19.90
N GLN A 266 -2.48 -38.63 -20.98
CA GLN A 266 -1.37 -39.26 -21.69
C GLN A 266 -0.43 -38.16 -22.23
N ALA A 267 -0.99 -37.10 -22.80
CA ALA A 267 -0.19 -36.01 -23.40
C ALA A 267 0.50 -35.18 -22.33
N VAL A 268 -0.21 -34.74 -21.31
CA VAL A 268 0.41 -33.98 -20.21
C VAL A 268 1.50 -34.82 -19.55
N GLY A 269 1.23 -36.11 -19.33
CA GLY A 269 2.26 -36.98 -18.77
C GLY A 269 3.53 -36.96 -19.59
N GLU A 270 3.39 -37.08 -20.92
CA GLU A 270 4.54 -37.04 -21.81
C GLU A 270 5.17 -35.66 -21.82
N PHE A 271 4.39 -34.61 -21.61
CA PHE A 271 4.98 -33.28 -21.44
C PHE A 271 6.03 -33.28 -20.34
N PHE A 272 5.73 -33.91 -19.20
CA PHE A 272 6.72 -34.01 -18.13
C PHE A 272 7.72 -35.13 -18.41
N GLY A 273 7.28 -36.19 -19.07
CA GLY A 273 8.18 -37.26 -19.44
C GLY A 273 8.79 -38.06 -18.33
N ALA A 274 9.52 -39.11 -18.70
CA ALA A 274 10.01 -40.11 -17.77
C ALA A 274 11.42 -39.78 -17.28
N ARG A 275 11.61 -39.88 -15.97
CA ARG A 275 12.95 -39.78 -15.40
C ARG A 275 13.90 -40.78 -16.05
N ALA A 276 13.40 -41.98 -16.38
CA ALA A 276 14.26 -42.99 -16.98
C ALA A 276 14.91 -42.49 -18.26
N GLY A 277 14.17 -41.68 -19.02
CA GLY A 277 14.74 -41.04 -20.19
C GLY A 277 15.26 -39.67 -19.85
N THR A 278 14.70 -38.63 -20.45
CA THR A 278 15.07 -37.26 -20.14
C THR A 278 13.99 -36.50 -19.39
N GLY A 279 12.95 -37.19 -18.93
CA GLY A 279 11.82 -36.57 -18.28
C GLY A 279 11.99 -36.42 -16.79
N LEU A 280 10.87 -36.34 -16.09
CA LEU A 280 10.88 -36.00 -14.68
C LEU A 280 10.06 -36.94 -13.82
N LEU A 281 9.18 -37.75 -14.39
CA LEU A 281 8.23 -38.53 -13.61
C LEU A 281 8.75 -39.94 -13.35
N ASP A 282 8.52 -40.42 -12.13
CA ASP A 282 8.55 -41.86 -11.90
C ASP A 282 7.14 -42.47 -12.03
N GLY A 283 6.11 -41.67 -11.78
CA GLY A 283 4.77 -42.21 -11.83
C GLY A 283 3.76 -41.12 -12.07
N TRP A 284 2.57 -41.53 -12.50
CA TRP A 284 1.57 -40.61 -13.03
C TRP A 284 0.18 -41.14 -12.67
N LEU A 285 -0.56 -40.35 -11.91
CA LEU A 285 -1.92 -40.74 -11.49
C LEU A 285 -2.97 -40.02 -12.35
N VAL A 286 -3.92 -40.78 -12.83
CA VAL A 286 -4.99 -40.22 -13.72
C VAL A 286 -6.35 -40.57 -13.12
N HIS A 287 -7.41 -39.92 -13.57
CA HIS A 287 -8.76 -40.22 -13.04
C HIS A 287 -9.18 -41.65 -13.41
N GLU A 288 -10.07 -42.24 -12.63
CA GLU A 288 -10.54 -43.58 -12.94
C GLU A 288 -11.28 -43.58 -14.27
N GLY A 289 -11.10 -44.65 -15.03
CA GLY A 289 -11.73 -44.70 -16.35
C GLY A 289 -10.86 -44.02 -17.39
N ASP A 290 -9.64 -43.71 -17.01
CA ASP A 290 -8.70 -43.08 -17.96
C ASP A 290 -7.54 -44.04 -18.16
N HIS A 291 -7.13 -44.17 -19.40
CA HIS A 291 -5.99 -45.04 -19.71
C HIS A 291 -4.87 -44.13 -20.19
N ALA A 292 -3.66 -44.36 -19.73
CA ALA A 292 -2.55 -43.58 -20.27
C ALA A 292 -1.37 -44.53 -20.23
N GLN A 293 -0.58 -44.55 -21.29
CA GLN A 293 0.58 -45.46 -21.23
C GLN A 293 1.79 -44.65 -21.66
N ILE A 294 2.75 -44.51 -20.78
CA ILE A 294 3.99 -43.75 -21.07
C ILE A 294 5.14 -44.65 -20.66
N GLU A 295 6.13 -44.83 -21.52
CA GLU A 295 7.30 -45.70 -21.25
C GLU A 295 8.03 -45.18 -20.02
N GLY A 296 8.52 -46.08 -19.18
CA GLY A 296 9.28 -45.77 -17.98
C GLY A 296 8.54 -45.10 -16.85
N VAL A 297 7.21 -45.06 -16.92
CA VAL A 297 6.40 -44.36 -15.92
C VAL A 297 5.29 -45.31 -15.50
N LYS A 298 5.23 -45.58 -14.20
CA LYS A 298 4.13 -46.42 -13.70
C LYS A 298 2.87 -45.55 -13.67
N VAL A 299 1.83 -45.96 -14.37
CA VAL A 299 0.58 -45.16 -14.44
C VAL A 299 -0.51 -45.88 -13.66
N LYS A 300 -1.24 -45.15 -12.85
CA LYS A 300 -2.37 -45.76 -12.11
C LYS A 300 -3.56 -44.80 -12.14
N ALA A 301 -4.73 -45.34 -12.45
CA ALA A 301 -5.97 -44.59 -12.47
C ALA A 301 -6.67 -44.72 -11.11
N VAL A 302 -6.95 -43.60 -10.47
CA VAL A 302 -7.66 -43.56 -9.21
C VAL A 302 -8.56 -42.33 -9.23
N PRO A 303 -9.53 -42.21 -8.32
CA PRO A 303 -10.31 -40.97 -8.23
C PRO A 303 -9.40 -39.77 -8.00
N LEU A 304 -9.48 -38.78 -8.91
CA LEU A 304 -8.60 -37.62 -8.90
C LEU A 304 -9.34 -36.30 -8.70
N LEU A 305 -10.60 -36.36 -8.24
CA LEU A 305 -11.41 -35.18 -8.01
C LEU A 305 -11.17 -34.67 -6.59
N MET A 306 -10.61 -33.47 -6.50
CA MET A 306 -10.33 -32.86 -5.19
C MET A 306 -11.61 -32.26 -4.63
N THR A 307 -12.56 -33.14 -4.30
CA THR A 307 -13.86 -32.70 -3.78
C THR A 307 -13.74 -32.04 -2.42
N ASP A 308 -12.80 -32.48 -1.62
CA ASP A 308 -12.70 -32.14 -0.22
C ASP A 308 -11.39 -32.69 0.33
N PRO A 309 -10.89 -32.14 1.42
CA PRO A 309 -9.55 -32.53 1.90
C PRO A 309 -9.32 -34.03 2.05
N GLU A 310 -10.34 -34.86 2.31
CA GLU A 310 -10.02 -36.29 2.39
C GLU A 310 -10.27 -37.04 1.09
N ALA A 311 -11.11 -36.56 0.18
CA ALA A 311 -11.00 -37.03 -1.19
C ALA A 311 -9.56 -36.91 -1.68
N THR A 312 -8.93 -35.76 -1.41
CA THR A 312 -7.55 -35.53 -1.84
C THR A 312 -6.56 -36.29 -0.97
N ALA A 313 -6.81 -36.35 0.34
CA ALA A 313 -6.00 -37.21 1.21
C ALA A 313 -5.89 -38.61 0.62
N ALA A 314 -7.00 -39.15 0.10
CA ALA A 314 -6.96 -40.43 -0.60
C ALA A 314 -6.19 -40.35 -1.89
N MET A 315 -6.24 -39.21 -2.59
CA MET A 315 -5.42 -39.07 -3.80
C MET A 315 -3.94 -39.09 -3.45
N VAL A 316 -3.58 -38.48 -2.32
CA VAL A 316 -2.19 -38.49 -1.91
C VAL A 316 -1.76 -39.90 -1.51
N ARG A 317 -2.63 -40.63 -0.81
CA ARG A 317 -2.26 -41.98 -0.41
C ARG A 317 -1.97 -42.84 -1.64
N ALA A 318 -2.80 -42.71 -2.68
CA ALA A 318 -2.54 -43.45 -3.90
C ALA A 318 -1.17 -43.10 -4.47
N GLY A 319 -0.74 -41.84 -4.30
CA GLY A 319 0.57 -41.45 -4.82
C GLY A 319 1.72 -42.10 -4.05
N LEU A 320 1.63 -42.09 -2.71
CA LEU A 320 2.62 -42.80 -1.91
C LEU A 320 2.61 -44.30 -2.23
N ASP A 321 1.43 -44.89 -2.41
CA ASP A 321 1.37 -46.31 -2.71
C ASP A 321 1.96 -46.60 -4.08
N LEU A 322 1.72 -45.72 -5.06
CA LEU A 322 2.34 -45.93 -6.37
C LEU A 322 3.86 -45.86 -6.25
N ALA A 323 4.37 -44.97 -5.39
CA ALA A 323 5.81 -44.82 -5.21
C ALA A 323 6.41 -45.90 -4.33
N GLY A 324 5.61 -46.68 -3.60
CA GLY A 324 6.14 -47.58 -2.61
C GLY A 324 6.80 -46.92 -1.43
N VAL A 325 6.35 -45.71 -1.02
CA VAL A 325 6.91 -45.01 0.13
C VAL A 325 5.96 -45.16 1.32
N SER A 326 6.54 -45.29 2.51
CA SER A 326 5.76 -45.28 3.76
C SER A 326 6.33 -44.28 4.77
N MET B 1 -7.05 40.18 -6.34
CA MET B 1 -7.83 38.95 -6.45
C MET B 1 -7.02 37.72 -6.04
N LYS B 2 -5.89 37.95 -5.36
CA LYS B 2 -4.94 36.88 -5.03
C LYS B 2 -4.80 36.78 -3.51
N ILE B 3 -5.24 35.65 -2.96
CA ILE B 3 -5.09 35.33 -1.54
C ILE B 3 -4.19 34.12 -1.42
N THR B 4 -3.20 34.18 -0.53
CA THR B 4 -2.49 32.96 -0.16
C THR B 4 -2.55 32.74 1.36
N VAL B 5 -2.74 31.48 1.74
CA VAL B 5 -2.96 31.11 3.12
C VAL B 5 -1.98 30.00 3.48
N LEU B 6 -1.25 30.18 4.59
CA LEU B 6 -0.51 29.09 5.22
C LEU B 6 -1.45 28.25 6.08
N VAL B 7 -1.44 26.92 5.90
CA VAL B 7 -2.41 26.03 6.50
C VAL B 7 -1.79 24.70 6.94
N GLY B 8 -2.41 24.12 7.96
CA GLY B 8 -2.24 22.73 8.32
C GLY B 8 -3.39 22.28 9.19
N GLY B 9 -3.52 20.96 9.32
CA GLY B 9 -4.53 20.39 10.20
C GLY B 9 -5.97 20.59 9.71
N VAL B 10 -6.91 20.12 10.52
CA VAL B 10 -8.32 20.21 10.18
C VAL B 10 -8.76 21.67 10.12
N GLY B 11 -8.19 22.52 10.97
CA GLY B 11 -8.65 23.89 11.02
C GLY B 11 -8.19 24.70 9.84
N GLY B 12 -7.01 24.37 9.31
CA GLY B 12 -6.58 25.01 8.06
C GLY B 12 -7.55 24.74 6.94
N ALA B 13 -7.96 23.47 6.79
CA ALA B 13 -8.88 23.11 5.72
C ALA B 13 -10.22 23.83 5.88
N ARG B 14 -10.70 23.95 7.13
CA ARG B 14 -11.97 24.66 7.34
C ARG B 14 -11.84 26.15 7.10
N PHE B 15 -10.67 26.71 7.41
CA PHE B 15 -10.42 28.10 7.08
C PHE B 15 -10.46 28.32 5.57
N LEU B 16 -9.78 27.45 4.79
CA LEU B 16 -9.84 27.57 3.33
C LEU B 16 -11.28 27.54 2.81
N LEU B 17 -12.13 26.68 3.37
CA LEU B 17 -13.52 26.65 2.93
C LEU B 17 -14.14 28.03 3.08
N GLY B 18 -13.82 28.73 4.18
CA GLY B 18 -14.35 30.07 4.37
C GLY B 18 -13.84 31.06 3.35
N VAL B 19 -12.55 30.97 3.01
CA VAL B 19 -12.01 31.84 1.96
C VAL B 19 -12.75 31.60 0.65
N GLN B 20 -12.96 30.33 0.30
CA GLN B 20 -13.74 30.01 -0.90
C GLN B 20 -15.16 30.55 -0.80
N ASN B 21 -15.79 30.41 0.36
CA ASN B 21 -17.14 30.92 0.54
C ASN B 21 -17.17 32.43 0.29
N LEU B 22 -16.22 33.16 0.87
CA LEU B 22 -16.20 34.61 0.65
C LEU B 22 -16.08 34.91 -0.83
N LEU B 23 -15.15 34.24 -1.51
CA LEU B 23 -14.71 34.59 -2.87
C LEU B 23 -15.45 33.85 -3.97
N GLY B 24 -16.39 32.97 -3.64
CA GLY B 24 -17.12 32.23 -4.66
C GLY B 24 -16.29 31.21 -5.40
N LEU B 25 -15.48 30.41 -4.70
CA LEU B 25 -14.59 29.43 -5.31
C LEU B 25 -15.03 28.00 -5.00
N GLY B 26 -14.63 27.07 -5.88
CA GLY B 26 -14.88 25.65 -5.66
C GLY B 26 -16.36 25.36 -5.46
N SER B 27 -16.68 24.58 -4.43
CA SER B 27 -18.06 24.17 -4.21
C SER B 27 -19.02 25.35 -4.05
N PHE B 28 -18.51 26.52 -3.69
CA PHE B 28 -19.35 27.69 -3.46
C PHE B 28 -19.47 28.59 -4.69
N ALA B 29 -19.03 28.12 -5.85
CA ALA B 29 -19.06 28.97 -7.03
C ALA B 29 -20.45 28.97 -7.67
N ASP B 30 -20.82 30.11 -8.27
CA ASP B 30 -22.00 30.18 -9.11
C ASP B 30 -21.64 30.43 -10.56
N GLY B 31 -20.99 31.56 -10.87
CA GLY B 31 -20.33 31.76 -12.13
C GLY B 31 -18.84 31.81 -11.91
N PRO B 32 -18.05 31.37 -12.90
CA PRO B 32 -16.60 31.23 -12.68
C PRO B 32 -15.99 32.53 -12.16
N SER B 33 -15.06 32.41 -11.21
CA SER B 33 -14.77 33.50 -10.29
C SER B 33 -13.62 34.39 -10.74
N LYS B 34 -13.53 35.55 -10.09
CA LYS B 34 -12.49 36.55 -10.31
C LYS B 34 -11.23 36.32 -9.47
N HIS B 35 -11.33 35.64 -8.34
CA HIS B 35 -10.22 35.57 -7.40
C HIS B 35 -9.52 34.23 -7.50
N GLU B 36 -8.30 34.16 -6.96
CA GLU B 36 -7.55 32.91 -6.93
C GLU B 36 -6.93 32.74 -5.57
N LEU B 37 -7.11 31.55 -5.01
CA LEU B 37 -6.69 31.21 -3.67
C LEU B 37 -5.54 30.21 -3.73
N THR B 38 -4.49 30.48 -3.00
CA THR B 38 -3.34 29.60 -2.97
C THR B 38 -3.06 29.23 -1.53
N ALA B 39 -2.97 27.93 -1.28
CA ALA B 39 -2.69 27.39 0.04
C ALA B 39 -1.26 26.85 0.03
N VAL B 40 -0.46 27.31 0.98
CA VAL B 40 0.85 26.75 1.27
C VAL B 40 0.67 25.76 2.42
N VAL B 41 0.83 24.47 2.11
CA VAL B 41 0.34 23.37 2.95
C VAL B 41 1.49 22.71 3.68
N ASN B 42 1.39 22.65 5.00
CA ASN B 42 2.29 21.87 5.86
C ASN B 42 2.59 20.48 5.30
N ILE B 43 3.86 20.09 5.34
CA ILE B 43 4.29 18.73 5.05
C ILE B 43 4.92 18.03 6.23
N GLY B 44 4.96 18.69 7.40
CA GLY B 44 5.66 18.16 8.57
C GLY B 44 5.08 16.86 9.11
N ASP B 45 3.81 16.56 8.80
CA ASP B 45 3.16 15.31 9.21
C ASP B 45 3.32 14.20 8.18
N ASP B 46 4.00 14.46 7.07
CA ASP B 46 4.07 13.50 5.99
C ASP B 46 5.02 12.37 6.39
N ALA B 47 4.71 11.15 5.95
CA ALA B 47 5.46 10.00 6.42
C ALA B 47 5.39 8.87 5.41
N TRP B 48 6.49 8.15 5.22
CA TRP B 48 6.44 6.83 4.60
C TRP B 48 5.96 5.84 5.66
N MET B 49 4.83 5.16 5.39
CA MET B 49 4.27 4.19 6.30
C MET B 49 3.73 3.01 5.51
N HIS B 50 4.04 1.80 5.97
CA HIS B 50 3.60 0.57 5.30
C HIS B 50 3.88 0.61 3.81
N GLY B 51 5.05 1.13 3.44
CA GLY B 51 5.49 1.20 2.06
C GLY B 51 4.87 2.29 1.21
N VAL B 52 4.04 3.13 1.81
CA VAL B 52 3.27 4.12 1.06
C VAL B 52 3.49 5.51 1.66
N ARG B 53 3.40 6.55 0.82
CA ARG B 53 3.64 7.91 1.29
C ARG B 53 2.32 8.59 1.64
N ILE B 54 2.18 8.98 2.90
CA ILE B 54 0.95 9.55 3.46
C ILE B 54 1.18 11.04 3.70
N CYS B 55 0.35 11.88 3.08
CA CYS B 55 0.45 13.34 3.22
C CYS B 55 -0.82 13.92 3.85
N PRO B 56 -0.89 13.99 5.20
CA PRO B 56 -2.19 14.25 5.84
C PRO B 56 -2.74 15.65 5.59
N ASP B 57 -1.91 16.69 5.65
CA ASP B 57 -2.46 18.03 5.49
C ASP B 57 -2.88 18.29 4.06
N LEU B 58 -2.09 17.84 3.08
CA LEU B 58 -2.49 17.94 1.69
C LEU B 58 -3.78 17.17 1.42
N ASP B 59 -3.93 15.96 1.99
CA ASP B 59 -5.15 15.18 1.76
C ASP B 59 -6.38 15.83 2.41
N THR B 60 -6.23 16.34 3.64
CA THR B 60 -7.37 16.97 4.32
C THR B 60 -7.87 18.22 3.60
N CYS B 61 -6.97 19.09 3.16
CA CYS B 61 -7.40 20.20 2.30
C CYS B 61 -8.09 19.69 1.03
N MET B 62 -7.51 18.67 0.39
CA MET B 62 -7.99 18.21 -0.90
C MET B 62 -9.35 17.56 -0.78
N TYR B 63 -9.53 16.66 0.20
CA TYR B 63 -10.86 16.06 0.45
C TYR B 63 -11.87 17.09 0.94
N THR B 64 -11.46 17.96 1.87
CA THR B 64 -12.37 18.96 2.41
C THR B 64 -12.90 19.85 1.31
N LEU B 65 -12.01 20.45 0.53
CA LEU B 65 -12.45 21.37 -0.51
C LEU B 65 -13.08 20.63 -1.67
N GLY B 66 -12.78 19.35 -1.85
CA GLY B 66 -13.40 18.55 -2.87
C GLY B 66 -14.70 17.90 -2.46
N GLY B 67 -15.11 18.01 -1.20
CA GLY B 67 -16.40 17.49 -0.82
C GLY B 67 -16.39 16.05 -0.36
N GLY B 68 -15.21 15.49 -0.08
CA GLY B 68 -15.11 14.10 0.32
C GLY B 68 -14.80 13.85 1.78
N ILE B 69 -14.92 14.85 2.64
CA ILE B 69 -14.54 14.72 4.04
C ILE B 69 -15.71 14.27 4.92
N GLY B 76 -10.80 12.08 7.24
CA GLY B 76 -11.05 10.93 6.37
C GLY B 76 -12.20 11.11 5.40
N HIS B 77 -12.74 10.00 4.88
CA HIS B 77 -13.74 10.01 3.83
C HIS B 77 -15.13 9.76 4.38
N ARG B 78 -16.11 9.84 3.48
CA ARG B 78 -17.40 9.20 3.65
C ARG B 78 -17.28 7.72 3.29
N ASN B 79 -18.29 6.95 3.71
CA ASN B 79 -18.36 5.52 3.39
C ASN B 79 -17.02 4.81 3.58
N GLU B 80 -16.25 5.23 4.58
CA GLU B 80 -14.92 4.68 4.78
C GLU B 80 -14.95 3.36 5.55
N THR B 81 -14.12 2.43 5.11
CA THR B 81 -13.90 1.16 5.80
C THR B 81 -12.43 1.11 6.21
N TRP B 82 -12.14 0.25 7.18
CA TRP B 82 -10.80 0.10 7.74
C TRP B 82 -10.43 -1.37 7.77
N ASN B 83 -10.80 -2.07 6.70
CA ASN B 83 -10.52 -3.49 6.61
C ASN B 83 -9.04 -3.76 6.34
N ALA B 84 -8.42 -2.96 5.47
CA ALA B 84 -6.98 -3.10 5.30
C ALA B 84 -6.27 -2.82 6.61
N LYS B 85 -6.70 -1.78 7.34
CA LYS B 85 -6.09 -1.48 8.62
C LYS B 85 -6.23 -2.65 9.58
N GLU B 86 -7.38 -3.32 9.55
CA GLU B 86 -7.61 -4.47 10.43
C GLU B 86 -6.62 -5.60 10.13
N GLU B 87 -6.48 -5.96 8.84
CA GLU B 87 -5.54 -7.01 8.45
C GLU B 87 -4.11 -6.64 8.85
N LEU B 88 -3.75 -5.37 8.71
CA LEU B 88 -2.39 -4.96 9.08
C LEU B 88 -2.15 -5.23 10.55
N ALA B 89 -3.13 -4.89 11.41
CA ALA B 89 -3.01 -5.22 12.83
C ALA B 89 -2.87 -6.74 13.04
N ALA B 90 -3.61 -7.55 12.26
CA ALA B 90 -3.45 -9.00 12.36
C ALA B 90 -2.04 -9.45 11.98
N TYR B 91 -1.38 -8.73 11.09
CA TYR B 91 0.02 -9.03 10.81
C TYR B 91 0.96 -8.50 11.88
N GLY B 92 0.45 -7.79 12.89
CA GLY B 92 1.29 -7.33 13.98
C GLY B 92 2.13 -6.11 13.71
N VAL B 93 1.56 -5.07 13.10
CA VAL B 93 2.26 -3.79 12.98
C VAL B 93 1.68 -2.72 13.92
N LEU B 100 -6.01 5.50 8.06
CA LEU B 100 -5.62 4.57 7.02
C LEU B 100 -6.81 3.79 6.51
N GLY B 101 -7.86 4.50 6.13
CA GLY B 101 -9.02 3.85 5.58
C GLY B 101 -8.72 3.23 4.22
N ASP B 102 -9.59 2.31 3.83
CA ASP B 102 -9.43 1.62 2.56
C ASP B 102 -9.43 2.60 1.39
N ARG B 103 -10.38 3.54 1.38
CA ARG B 103 -10.43 4.56 0.33
C ARG B 103 -9.23 5.48 0.39
N ASP B 104 -8.85 5.89 1.60
CA ASP B 104 -7.63 6.64 1.82
C ASP B 104 -6.43 5.94 1.19
N LEU B 105 -6.34 4.63 1.31
CA LEU B 105 -5.16 3.93 0.81
C LEU B 105 -5.05 4.08 -0.70
N ALA B 106 -6.19 4.21 -1.39
CA ALA B 106 -6.14 4.43 -2.84
C ALA B 106 -5.33 5.68 -3.14
N THR B 107 -5.64 6.79 -2.47
CA THR B 107 -4.84 8.01 -2.64
C THR B 107 -3.35 7.73 -2.45
N HIS B 108 -3.02 6.93 -1.42
CA HIS B 108 -1.62 6.70 -1.05
C HIS B 108 -0.92 5.85 -2.08
N LEU B 109 -1.64 4.87 -2.64
CA LEU B 109 -1.04 4.04 -3.66
C LEU B 109 -0.71 4.87 -4.88
N VAL B 110 -1.65 5.70 -5.32
CA VAL B 110 -1.45 6.50 -6.53
C VAL B 110 -0.31 7.49 -6.33
N ARG B 111 -0.30 8.18 -5.19
CA ARG B 111 0.77 9.13 -4.92
C ARG B 111 2.13 8.45 -4.90
N SER B 112 2.23 7.28 -4.26
CA SER B 112 3.53 6.63 -4.11
C SER B 112 4.09 6.20 -5.46
N GLN B 113 3.23 5.74 -6.36
CA GLN B 113 3.63 5.40 -7.72
C GLN B 113 4.17 6.61 -8.47
N MET B 114 3.52 7.77 -8.34
CA MET B 114 4.04 8.95 -9.01
C MET B 114 5.37 9.36 -8.41
N LEU B 115 5.49 9.29 -7.08
CA LEU B 115 6.74 9.68 -6.45
C LEU B 115 7.88 8.74 -6.85
N ARG B 116 7.60 7.44 -6.97
CA ARG B 116 8.67 6.53 -7.34
C ARG B 116 9.00 6.62 -8.83
N ALA B 117 8.10 7.11 -9.66
CA ALA B 117 8.41 7.39 -11.06
C ALA B 117 8.87 8.83 -11.26
N GLY B 118 9.24 9.55 -10.19
CA GLY B 118 9.95 10.80 -10.31
C GLY B 118 9.11 12.06 -10.36
N TYR B 119 7.83 11.98 -10.17
CA TYR B 119 7.06 13.20 -10.08
C TYR B 119 7.27 13.84 -8.72
N PRO B 120 7.54 15.14 -8.66
CA PRO B 120 7.61 15.83 -7.36
C PRO B 120 6.23 15.90 -6.74
N LEU B 121 6.22 16.06 -5.40
CA LEU B 121 4.98 16.08 -4.64
C LEU B 121 4.03 17.17 -5.14
N SER B 122 4.56 18.33 -5.52
CA SER B 122 3.70 19.39 -6.07
C SER B 122 2.97 18.90 -7.31
N GLN B 123 3.64 18.17 -8.19
CA GLN B 123 2.96 17.62 -9.37
C GLN B 123 2.04 16.46 -8.98
N VAL B 124 2.45 15.65 -8.00
CA VAL B 124 1.56 14.59 -7.52
C VAL B 124 0.24 15.20 -7.02
N THR B 125 0.34 16.26 -6.23
CA THR B 125 -0.86 16.89 -5.70
C THR B 125 -1.75 17.42 -6.82
N GLU B 126 -1.14 18.09 -7.79
CA GLU B 126 -1.90 18.60 -8.92
C GLU B 126 -2.63 17.48 -9.64
N ALA B 127 -2.00 16.31 -9.78
CA ALA B 127 -2.65 15.21 -10.50
C ALA B 127 -3.84 14.68 -9.71
N LEU B 128 -3.67 14.54 -8.39
CA LEU B 128 -4.77 14.06 -7.56
C LEU B 128 -5.95 15.05 -7.57
N CYS B 129 -5.68 16.34 -7.74
CA CYS B 129 -6.74 17.33 -7.70
C CYS B 129 -7.56 17.37 -8.97
N LYS B 130 -7.10 16.75 -10.07
CA LYS B 130 -7.96 16.65 -11.24
C LYS B 130 -9.24 15.90 -10.90
N ARG B 131 -9.14 14.96 -9.96
CA ARG B 131 -10.32 14.21 -9.56
C ARG B 131 -11.11 14.92 -8.47
N TRP B 132 -10.46 15.56 -7.51
CA TRP B 132 -11.16 16.24 -6.42
C TRP B 132 -11.60 17.65 -6.75
N GLN B 133 -10.93 18.31 -7.70
CA GLN B 133 -11.19 19.68 -8.12
C GLN B 133 -11.49 20.55 -6.92
N PRO B 134 -10.52 20.75 -6.04
CA PRO B 134 -10.80 21.49 -4.80
C PRO B 134 -11.15 22.94 -5.02
N GLY B 135 -10.81 23.51 -6.18
CA GLY B 135 -11.05 24.93 -6.40
C GLY B 135 -10.03 25.82 -5.73
N ALA B 136 -8.82 25.32 -5.50
CA ALA B 136 -7.75 26.11 -4.92
C ALA B 136 -6.45 25.46 -5.36
N ARG B 137 -5.40 26.27 -5.41
CA ARG B 137 -4.07 25.76 -5.66
C ARG B 137 -3.47 25.28 -4.34
N LEU B 138 -3.18 23.98 -4.23
CA LEU B 138 -2.64 23.42 -2.99
C LEU B 138 -1.17 23.11 -3.21
N LEU B 139 -0.29 24.01 -2.74
CA LEU B 139 1.14 23.87 -2.94
C LEU B 139 1.78 23.27 -1.71
N PRO B 140 2.42 22.12 -1.82
CA PRO B 140 3.22 21.61 -0.69
C PRO B 140 4.28 22.64 -0.33
N ALA B 141 4.45 22.88 0.98
CA ALA B 141 5.45 23.84 1.43
C ALA B 141 6.84 23.51 0.90
N SER B 142 7.08 22.25 0.56
CA SER B 142 8.34 21.83 -0.04
C SER B 142 8.08 20.53 -0.78
N ASP B 143 8.88 20.30 -1.83
CA ASP B 143 8.94 18.99 -2.45
C ASP B 143 9.98 18.10 -1.79
N GLU B 144 10.81 18.63 -0.90
CA GLU B 144 11.73 17.77 -0.17
C GLU B 144 11.11 17.32 1.15
N ARG B 145 11.61 16.21 1.67
CA ARG B 145 11.16 15.74 2.97
C ARG B 145 11.52 16.76 4.06
N SER B 146 10.56 17.07 4.90
CA SER B 146 10.79 17.92 6.09
C SER B 146 9.76 17.45 7.11
N GLU B 147 10.17 16.49 7.95
CA GLU B 147 9.25 15.70 8.77
C GLU B 147 9.35 16.09 10.24
N THR B 148 8.26 16.60 10.78
CA THR B 148 8.26 17.03 12.17
C THR B 148 8.46 15.83 13.08
N HIS B 149 9.44 15.92 13.97
CA HIS B 149 9.71 14.89 14.95
C HIS B 149 9.64 15.50 16.34
N VAL B 150 9.55 14.62 17.33
CA VAL B 150 9.45 15.01 18.74
C VAL B 150 10.50 14.23 19.51
N VAL B 151 11.34 14.94 20.26
CA VAL B 151 12.41 14.34 21.05
C VAL B 151 11.87 13.98 22.44
N ILE B 152 11.89 12.68 22.78
CA ILE B 152 11.37 12.18 24.04
C ILE B 152 12.51 11.54 24.83
N THR B 153 12.22 11.25 26.09
CA THR B 153 12.99 10.27 26.85
C THR B 153 12.31 8.92 26.65
N ASP B 154 12.94 8.04 25.90
CA ASP B 154 12.42 6.71 25.65
C ASP B 154 12.47 5.88 26.93
N PRO B 155 11.35 5.34 27.40
CA PRO B 155 11.39 4.64 28.70
C PRO B 155 12.08 3.27 28.66
N THR B 156 12.29 2.69 27.47
CA THR B 156 13.00 1.41 27.40
C THR B 156 14.47 1.51 27.77
N ASP B 157 15.12 2.66 27.51
CA ASP B 157 16.52 2.81 27.86
C ASP B 157 16.90 4.22 28.33
N GLY B 158 15.94 5.11 28.56
CA GLY B 158 16.29 6.42 29.10
C GLY B 158 17.04 7.33 28.14
N GLU B 159 17.02 7.02 26.84
CA GLU B 159 17.71 7.81 25.84
C GLU B 159 16.78 8.87 25.27
N ARG B 160 17.33 10.05 24.98
CA ARG B 160 16.57 11.03 24.21
C ARG B 160 16.53 10.55 22.77
N ARG B 161 15.33 10.38 22.24
CA ARG B 161 15.12 9.68 20.98
C ARG B 161 14.12 10.50 20.18
N ALA B 162 14.40 10.73 18.90
CA ALA B 162 13.52 11.52 18.07
C ALA B 162 12.48 10.62 17.38
N ILE B 163 11.21 10.97 17.55
CA ILE B 163 10.06 10.17 17.13
C ILE B 163 9.26 10.99 16.13
N HIS B 164 8.76 10.35 15.09
CA HIS B 164 7.89 11.06 14.16
C HIS B 164 6.66 11.61 14.88
N PHE B 165 6.21 12.80 14.44
CA PHE B 165 5.13 13.48 15.14
C PHE B 165 3.87 12.61 15.23
N GLN B 166 3.54 11.87 14.16
CA GLN B 166 2.32 11.04 14.19
C GLN B 166 2.43 9.93 15.22
N GLU B 167 3.61 9.36 15.39
CA GLU B 167 3.76 8.36 16.45
C GLU B 167 3.73 9.01 17.82
N TRP B 168 4.40 10.16 17.99
CA TRP B 168 4.33 10.85 19.27
C TRP B 168 2.88 11.14 19.65
N TRP B 169 2.14 11.73 18.70
CA TRP B 169 0.76 12.14 19.00
C TRP B 169 -0.09 10.97 19.49
N VAL B 170 0.07 9.80 18.88
CA VAL B 170 -0.88 8.73 19.17
C VAL B 170 -0.41 7.82 20.29
N ARG B 171 0.89 7.78 20.56
CA ARG B 171 1.47 6.79 21.43
C ARG B 171 2.23 7.37 22.61
N TYR B 172 3.01 8.43 22.44
CA TYR B 172 3.87 8.89 23.52
C TYR B 172 3.40 10.16 24.19
N ARG B 173 2.61 10.99 23.50
CA ARG B 173 2.15 12.25 24.05
C ARG B 173 1.47 12.06 25.40
N ALA B 174 2.00 12.75 26.43
CA ALA B 174 1.48 12.76 27.78
C ALA B 174 1.82 11.48 28.51
N LYS B 175 2.70 10.65 27.98
CA LYS B 175 3.06 9.43 28.71
C LYS B 175 4.55 9.31 28.99
N VAL B 176 5.39 10.09 28.33
CA VAL B 176 6.83 10.16 28.58
C VAL B 176 7.25 11.61 28.55
N PRO B 177 8.40 11.93 29.13
CA PRO B 177 8.90 13.31 29.04
C PRO B 177 9.19 13.67 27.59
N THR B 178 8.77 14.87 27.20
CA THR B 178 8.89 15.36 25.84
C THR B 178 9.66 16.67 25.89
N HIS B 179 10.73 16.75 25.11
CA HIS B 179 11.73 17.79 25.26
C HIS B 179 11.71 18.89 24.19
N SER B 180 11.45 18.55 22.93
CA SER B 180 11.51 19.54 21.87
C SER B 180 11.01 18.89 20.59
N PHE B 181 10.81 19.72 19.58
CA PHE B 181 10.54 19.31 18.22
C PHE B 181 11.83 19.39 17.43
N ALA B 182 11.95 18.51 16.43
CA ALA B 182 12.99 18.60 15.43
C ALA B 182 12.32 18.54 14.06
N TYR B 183 12.81 19.35 13.12
CA TYR B 183 12.25 19.37 11.76
C TYR B 183 13.27 18.67 10.87
N VAL B 184 13.11 17.35 10.77
CA VAL B 184 14.09 16.46 10.16
C VAL B 184 14.09 16.67 8.65
N GLY B 185 15.15 17.28 8.13
CA GLY B 185 15.26 17.52 6.71
C GLY B 185 14.97 18.94 6.29
N ALA B 186 14.47 19.77 7.21
CA ALA B 186 14.15 21.15 6.86
C ALA B 186 15.38 21.86 6.31
N ASP B 187 16.53 21.69 6.97
CA ASP B 187 17.74 22.38 6.56
C ASP B 187 18.13 22.05 5.14
N GLN B 188 17.78 20.86 4.67
CA GLN B 188 18.14 20.41 3.33
C GLN B 188 17.02 20.65 2.31
N ALA B 189 15.95 21.33 2.70
CA ALA B 189 14.78 21.53 1.85
C ALA B 189 14.76 22.94 1.26
N THR B 190 14.00 23.10 0.20
CA THR B 190 13.78 24.39 -0.43
C THR B 190 12.28 24.61 -0.58
N ALA B 191 11.89 25.88 -0.65
CA ALA B 191 10.48 26.19 -0.83
C ALA B 191 9.97 25.53 -2.10
N GLY B 192 8.80 24.92 -2.03
CA GLY B 192 8.26 24.20 -3.15
C GLY B 192 7.91 25.14 -4.28
N PRO B 193 7.74 24.58 -5.48
CA PRO B 193 7.47 25.42 -6.66
C PRO B 193 6.29 26.35 -6.42
N GLY B 194 6.49 27.63 -6.75
CA GLY B 194 5.45 28.63 -6.64
C GLY B 194 5.19 29.16 -5.23
N VAL B 195 5.73 28.53 -4.18
CA VAL B 195 5.43 28.98 -2.83
C VAL B 195 5.93 30.39 -2.60
N VAL B 196 7.22 30.63 -2.90
CA VAL B 196 7.80 31.96 -2.67
C VAL B 196 7.09 33.00 -3.53
N GLU B 197 6.69 32.62 -4.73
CA GLU B 197 5.95 33.53 -5.61
C GLU B 197 4.56 33.81 -5.05
N ALA B 198 3.86 32.77 -4.58
CA ALA B 198 2.53 32.96 -4.00
C ALA B 198 2.57 33.91 -2.82
N ILE B 199 3.67 33.92 -2.07
CA ILE B 199 3.79 34.81 -0.91
C ILE B 199 4.14 36.23 -1.36
N GLY B 200 5.01 36.36 -2.37
CA GLY B 200 5.42 37.67 -2.82
C GLY B 200 4.39 38.40 -3.65
N ASP B 201 3.52 37.68 -4.34
CA ASP B 201 2.58 38.27 -5.28
C ASP B 201 1.17 38.40 -4.74
N ALA B 202 0.90 37.92 -3.53
CA ALA B 202 -0.46 37.94 -3.02
C ALA B 202 -0.91 39.35 -2.73
N ASP B 203 -2.22 39.58 -2.83
CA ASP B 203 -2.77 40.81 -2.26
C ASP B 203 -2.76 40.76 -0.75
N ILE B 204 -2.81 39.56 -0.16
CA ILE B 204 -2.79 39.41 1.29
C ILE B 204 -2.40 37.98 1.59
N VAL B 205 -1.68 37.80 2.70
CA VAL B 205 -1.26 36.48 3.19
C VAL B 205 -1.88 36.27 4.56
N LEU B 206 -2.49 35.10 4.76
CA LEU B 206 -3.18 34.78 5.99
C LEU B 206 -2.52 33.57 6.65
N LEU B 207 -2.31 33.65 7.96
CA LEU B 207 -1.96 32.48 8.78
C LEU B 207 -3.25 31.93 9.35
N ALA B 208 -3.67 30.77 8.85
CA ALA B 208 -4.89 30.14 9.30
C ALA B 208 -4.78 29.76 10.79
N PRO B 209 -5.91 29.71 11.50
CA PRO B 209 -5.86 29.37 12.94
C PRO B 209 -5.59 27.89 13.15
N SER B 210 -4.37 27.47 12.84
CA SER B 210 -3.90 26.11 13.05
C SER B 210 -2.95 26.09 14.23
N ASN B 211 -2.54 24.88 14.61
CA ASN B 211 -1.58 24.79 15.69
C ASN B 211 -0.32 25.56 15.27
N PRO B 212 0.13 26.52 16.06
CA PRO B 212 1.29 27.32 15.63
C PRO B 212 2.58 26.53 15.57
N VAL B 213 2.79 25.54 16.43
CA VAL B 213 4.08 24.85 16.47
C VAL B 213 4.18 23.82 15.36
N VAL B 214 3.13 23.03 15.14
CA VAL B 214 3.20 21.83 14.33
C VAL B 214 2.31 21.87 13.09
N SER B 215 1.52 22.93 12.90
CA SER B 215 0.83 23.14 11.63
C SER B 215 1.39 24.30 10.84
N ILE B 216 1.38 25.52 11.40
CA ILE B 216 2.03 26.64 10.72
C ILE B 216 3.54 26.58 10.89
N GLY B 217 4.01 26.36 12.13
CA GLY B 217 5.41 26.41 12.46
C GLY B 217 6.35 25.68 11.50
N PRO B 218 6.05 24.42 11.17
CA PRO B 218 6.98 23.67 10.30
C PRO B 218 7.07 24.25 8.89
N ILE B 219 5.99 24.85 8.37
CA ILE B 219 6.09 25.61 7.12
C ILE B 219 7.23 26.63 7.23
N LEU B 220 7.29 27.32 8.37
CA LEU B 220 8.27 28.37 8.59
C LEU B 220 9.70 27.86 8.77
N GLN B 221 9.92 26.55 8.87
CA GLN B 221 11.29 26.04 8.99
C GLN B 221 11.89 25.72 7.63
N ILE B 222 11.13 25.85 6.56
CA ILE B 222 11.59 25.50 5.22
C ILE B 222 12.39 26.67 4.67
N PRO B 223 13.67 26.49 4.41
CA PRO B 223 14.49 27.59 3.89
C PRO B 223 13.80 28.35 2.77
N GLY B 224 13.71 29.66 2.91
CA GLY B 224 13.15 30.51 1.89
C GLY B 224 11.78 31.05 2.25
N ILE B 225 10.99 30.28 2.99
CA ILE B 225 9.60 30.67 3.24
C ILE B 225 9.53 31.80 4.27
N ARG B 226 10.32 31.68 5.34
CA ARG B 226 10.35 32.79 6.30
C ARG B 226 10.86 34.07 5.65
N GLY B 227 11.83 33.94 4.75
CA GLY B 227 12.34 35.11 4.06
C GLY B 227 11.27 35.79 3.23
N ALA B 228 10.56 35.00 2.42
CA ALA B 228 9.46 35.52 1.61
C ALA B 228 8.41 36.22 2.47
N LEU B 229 8.06 35.63 3.62
CA LEU B 229 7.05 36.22 4.50
C LEU B 229 7.53 37.54 5.06
N ARG B 230 8.79 37.60 5.49
CA ARG B 230 9.28 38.84 6.09
C ARG B 230 9.27 39.97 5.07
N SER B 231 9.61 39.67 3.83
CA SER B 231 9.90 40.72 2.87
C SER B 231 8.74 41.00 1.94
N THR B 232 7.69 40.19 1.94
CA THR B 232 6.60 40.43 1.00
C THR B 232 5.90 41.74 1.30
N SER B 233 5.59 42.48 0.23
CA SER B 233 4.81 43.70 0.34
C SER B 233 3.34 43.44 0.67
N ALA B 234 2.89 42.19 0.61
CA ALA B 234 1.52 41.88 1.00
C ALA B 234 1.37 42.00 2.51
N PRO B 235 0.24 42.50 2.99
CA PRO B 235 -0.05 42.41 4.43
C PRO B 235 -0.12 40.95 4.86
N VAL B 236 0.44 40.65 6.04
CA VAL B 236 0.37 39.32 6.64
C VAL B 236 -0.53 39.43 7.86
N ILE B 237 -1.62 38.66 7.85
CA ILE B 237 -2.62 38.70 8.92
C ILE B 237 -2.73 37.30 9.51
N GLY B 238 -2.50 37.18 10.82
CA GLY B 238 -2.60 35.92 11.53
C GLY B 238 -3.90 35.81 12.30
N TYR B 239 -4.34 34.57 12.47
CA TYR B 239 -5.55 34.24 13.21
C TYR B 239 -5.18 33.39 14.43
N SER B 240 -5.69 33.79 15.59
CA SER B 240 -5.35 33.06 16.80
C SER B 240 -6.08 31.71 16.83
N PRO B 241 -5.39 30.62 17.15
CA PRO B 241 -6.05 29.33 17.40
C PRO B 241 -6.57 29.14 18.81
N ILE B 242 -6.39 30.12 19.70
CA ILE B 242 -6.81 30.01 21.09
C ILE B 242 -8.22 30.54 21.21
N ILE B 243 -9.14 29.67 21.66
CA ILE B 243 -10.54 30.02 21.91
C ILE B 243 -10.78 29.89 23.41
N ALA B 244 -10.96 31.00 24.10
CA ALA B 244 -11.36 30.98 25.50
C ALA B 244 -12.87 30.72 25.62
N GLY B 245 -13.31 30.43 26.85
CA GLY B 245 -14.73 30.29 27.14
C GLY B 245 -15.28 28.88 27.16
N LYS B 246 -14.45 27.86 26.92
CA LYS B 246 -14.89 26.47 26.95
C LYS B 246 -15.17 26.02 28.38
N PRO B 247 -15.93 24.94 28.55
CA PRO B 247 -16.10 24.36 29.89
C PRO B 247 -14.76 24.12 30.56
N LEU B 248 -14.72 24.36 31.89
CA LEU B 248 -13.52 24.18 32.69
C LEU B 248 -12.34 24.96 32.12
N ARG B 249 -12.65 26.02 31.35
CA ARG B 249 -11.66 26.92 30.76
C ARG B 249 -10.76 26.21 29.76
N GLY B 250 -11.25 25.14 29.10
CA GLY B 250 -10.36 24.44 28.17
C GLY B 250 -9.07 23.85 28.77
N MET B 251 -8.20 23.40 27.85
CA MET B 251 -6.92 22.81 28.20
C MET B 251 -5.81 23.47 27.41
N ALA B 252 -4.62 23.55 28.02
CA ALA B 252 -3.45 24.08 27.32
C ALA B 252 -3.12 23.23 26.09
N ASP B 253 -2.64 23.88 25.04
CA ASP B 253 -2.18 23.11 23.88
C ASP B 253 -0.95 22.30 24.24
N GLU B 254 -0.97 21.01 23.91
CA GLU B 254 0.14 20.15 24.30
C GLU B 254 1.41 20.52 23.56
N CYS B 255 1.30 20.89 22.28
CA CYS B 255 2.50 21.19 21.50
C CYS B 255 3.12 22.52 21.92
N LEU B 256 2.30 23.51 22.27
CA LEU B 256 2.85 24.75 22.81
C LEU B 256 3.56 24.50 24.13
N LYS B 257 3.00 23.60 24.94
CA LYS B 257 3.64 23.25 26.21
C LYS B 257 5.07 22.76 25.99
N VAL B 258 5.26 21.87 25.00
CA VAL B 258 6.59 21.31 24.76
C VAL B 258 7.61 22.43 24.60
N ILE B 259 7.26 23.52 23.91
CA ILE B 259 8.21 24.61 23.77
C ILE B 259 7.96 25.71 24.81
N GLY B 260 7.17 25.42 25.84
CA GLY B 260 7.03 26.35 26.95
C GLY B 260 6.36 27.67 26.61
N VAL B 261 5.34 27.63 25.77
CA VAL B 261 4.59 28.82 25.38
C VAL B 261 3.19 28.64 25.92
N GLU B 262 2.70 29.66 26.62
CA GLU B 262 1.39 29.57 27.22
C GLU B 262 0.33 29.51 26.12
N SER B 263 -0.81 28.94 26.47
CA SER B 263 -1.94 28.86 25.53
C SER B 263 -2.82 30.10 25.66
N THR B 264 -2.27 31.22 25.18
CA THR B 264 -3.00 32.48 25.12
C THR B 264 -2.78 33.16 23.77
N SER B 265 -3.75 34.00 23.40
CA SER B 265 -3.60 34.79 22.19
C SER B 265 -2.39 35.72 22.27
N GLN B 266 -2.17 36.33 23.45
CA GLN B 266 -0.96 37.13 23.66
C GLN B 266 0.30 36.34 23.36
N ALA B 267 0.43 35.12 23.91
CA ALA B 267 1.68 34.35 23.78
C ALA B 267 1.87 33.81 22.36
N VAL B 268 0.80 33.40 21.68
CA VAL B 268 0.97 32.91 20.32
C VAL B 268 1.29 34.08 19.40
N GLY B 269 0.68 35.24 19.66
CA GLY B 269 1.02 36.42 18.86
C GLY B 269 2.49 36.76 18.95
N GLU B 270 3.07 36.69 20.15
CA GLU B 270 4.49 36.98 20.31
C GLU B 270 5.36 35.87 19.72
N PHE B 271 4.83 34.64 19.70
CA PHE B 271 5.51 33.55 19.02
C PHE B 271 5.78 33.92 17.56
N PHE B 272 4.75 34.33 16.83
CA PHE B 272 4.99 34.80 15.46
C PHE B 272 5.69 36.15 15.47
N GLY B 273 5.34 37.03 16.41
CA GLY B 273 5.95 38.33 16.50
C GLY B 273 5.60 39.27 15.34
N ALA B 274 6.20 40.45 15.40
CA ALA B 274 5.85 41.58 14.56
C ALA B 274 6.82 41.73 13.40
N ARG B 275 6.28 41.81 12.18
CA ARG B 275 7.13 42.13 11.03
C ARG B 275 7.90 43.42 11.26
N ALA B 276 7.32 44.39 11.98
CA ALA B 276 8.03 45.62 12.29
C ALA B 276 9.31 45.34 13.08
N GLY B 277 9.34 44.27 13.87
CA GLY B 277 10.56 43.88 14.56
C GLY B 277 11.29 42.80 13.76
N THR B 278 11.34 41.58 14.29
CA THR B 278 11.95 40.47 13.57
C THR B 278 10.97 39.36 13.28
N GLY B 279 9.68 39.61 13.46
CA GLY B 279 8.67 38.57 13.41
C GLY B 279 7.88 38.57 12.12
N LEU B 280 6.65 38.06 12.18
CA LEU B 280 5.95 37.73 10.95
C LEU B 280 4.63 38.45 10.74
N LEU B 281 4.05 39.09 11.76
CA LEU B 281 2.68 39.56 11.68
C LEU B 281 2.61 41.06 11.45
N ASP B 282 1.77 41.48 10.51
CA ASP B 282 1.21 42.82 10.54
C ASP B 282 -0.06 42.91 11.37
N GLY B 283 -0.87 41.86 11.36
CA GLY B 283 -2.17 41.88 12.01
C GLY B 283 -2.42 40.55 12.69
N TRP B 284 -3.13 40.61 13.82
CA TRP B 284 -3.43 39.44 14.64
C TRP B 284 -4.89 39.53 15.05
N LEU B 285 -5.69 38.56 14.63
CA LEU B 285 -7.09 38.50 15.04
C LEU B 285 -7.24 37.58 16.24
N VAL B 286 -7.97 38.05 17.26
CA VAL B 286 -8.33 37.23 18.40
C VAL B 286 -9.85 37.09 18.47
N HIS B 287 -10.29 36.00 19.11
CA HIS B 287 -11.70 35.75 19.33
C HIS B 287 -12.33 36.84 20.20
N GLU B 288 -13.63 37.08 19.97
CA GLU B 288 -14.39 38.08 20.74
C GLU B 288 -14.23 37.89 22.25
N GLY B 289 -14.02 38.99 22.97
CA GLY B 289 -13.75 38.94 24.38
C GLY B 289 -12.30 38.73 24.77
N ASP B 290 -11.43 38.37 23.81
CA ASP B 290 -10.01 38.15 24.10
C ASP B 290 -9.19 39.42 23.84
N HIS B 291 -7.94 39.39 24.28
CA HIS B 291 -7.08 40.57 24.27
C HIS B 291 -5.64 40.17 23.95
N ALA B 292 -4.94 41.08 23.29
CA ALA B 292 -3.51 40.93 23.06
C ALA B 292 -3.00 42.29 22.69
N GLN B 293 -1.75 42.57 23.05
CA GLN B 293 -1.08 43.79 22.66
C GLN B 293 0.36 43.43 22.34
N ILE B 294 0.78 43.73 21.11
CA ILE B 294 2.08 43.33 20.61
C ILE B 294 2.62 44.51 19.81
N GLU B 295 3.77 45.03 20.21
CA GLU B 295 4.27 46.24 19.60
C GLU B 295 4.41 46.01 18.10
N GLY B 296 3.91 46.95 17.31
CA GLY B 296 4.00 46.86 15.88
C GLY B 296 2.90 46.06 15.21
N VAL B 297 1.96 45.49 15.97
CA VAL B 297 0.97 44.59 15.41
C VAL B 297 -0.42 45.14 15.71
N LYS B 298 -1.25 45.24 14.68
CA LYS B 298 -2.64 45.62 14.87
C LYS B 298 -3.41 44.38 15.31
N VAL B 299 -3.95 44.42 16.55
CA VAL B 299 -4.76 43.35 17.12
C VAL B 299 -6.23 43.77 17.07
N LYS B 300 -7.10 42.84 16.68
CA LYS B 300 -8.54 43.08 16.74
C LYS B 300 -9.27 41.82 17.18
N ALA B 301 -10.27 42.00 18.04
CA ALA B 301 -11.09 40.93 18.56
C ALA B 301 -12.38 40.84 17.77
N VAL B 302 -12.67 39.65 17.22
CA VAL B 302 -13.86 39.42 16.42
C VAL B 302 -14.19 37.96 16.59
N PRO B 303 -15.38 37.51 16.20
CA PRO B 303 -15.68 36.06 16.27
C PRO B 303 -14.72 35.26 15.40
N LEU B 304 -14.11 34.23 15.99
CA LEU B 304 -13.13 33.38 15.31
C LEU B 304 -13.49 31.92 15.39
N LEU B 305 -14.79 31.61 15.52
CA LEU B 305 -15.25 30.22 15.55
C LEU B 305 -15.68 29.81 14.16
N MET B 306 -15.08 28.76 13.65
CA MET B 306 -15.35 28.26 12.30
C MET B 306 -16.55 27.33 12.31
N THR B 307 -17.67 27.86 12.81
CA THR B 307 -18.90 27.08 12.93
C THR B 307 -19.29 26.46 11.59
N ASP B 308 -19.09 27.20 10.52
CA ASP B 308 -19.63 26.89 9.19
C ASP B 308 -18.95 27.81 8.20
N PRO B 309 -19.00 27.48 6.91
CA PRO B 309 -18.27 28.32 5.94
C PRO B 309 -18.76 29.77 5.94
N GLU B 310 -20.01 30.00 6.33
CA GLU B 310 -20.49 31.37 6.40
C GLU B 310 -19.86 32.12 7.57
N ALA B 311 -19.72 31.47 8.73
CA ALA B 311 -19.02 32.13 9.83
C ALA B 311 -17.54 32.29 9.52
N THR B 312 -16.94 31.31 8.83
CA THR B 312 -15.54 31.45 8.47
C THR B 312 -15.35 32.59 7.47
N ALA B 313 -16.28 32.71 6.50
CA ALA B 313 -16.26 33.85 5.56
C ALA B 313 -16.24 35.19 6.28
N ALA B 314 -17.04 35.35 7.34
CA ALA B 314 -16.97 36.60 8.11
C ALA B 314 -15.59 36.75 8.75
N MET B 315 -15.02 35.66 9.24
CA MET B 315 -13.66 35.75 9.78
C MET B 315 -12.68 36.26 8.72
N VAL B 316 -12.72 35.68 7.51
CA VAL B 316 -11.81 36.11 6.44
C VAL B 316 -12.02 37.59 6.13
N ARG B 317 -13.29 38.03 6.08
CA ARG B 317 -13.57 39.45 5.84
C ARG B 317 -12.91 40.33 6.91
N ALA B 318 -12.97 39.91 8.17
CA ALA B 318 -12.33 40.72 9.21
C ALA B 318 -10.85 40.89 8.94
N GLY B 319 -10.21 39.85 8.37
CA GLY B 319 -8.80 39.95 8.08
C GLY B 319 -8.50 40.90 6.95
N LEU B 320 -9.28 40.81 5.87
CA LEU B 320 -9.17 41.78 4.78
C LEU B 320 -9.34 43.21 5.29
N ASP B 321 -10.39 43.45 6.08
CA ASP B 321 -10.66 44.79 6.59
C ASP B 321 -9.49 45.29 7.43
N LEU B 322 -9.01 44.46 8.37
CA LEU B 322 -7.89 44.87 9.21
C LEU B 322 -6.69 45.27 8.35
N ALA B 323 -6.49 44.58 7.22
CA ALA B 323 -5.33 44.83 6.37
C ALA B 323 -5.57 45.94 5.36
N GLY B 324 -6.80 46.41 5.23
CA GLY B 324 -7.11 47.44 4.25
C GLY B 324 -7.11 46.94 2.81
N VAL B 325 -7.55 45.71 2.59
CA VAL B 325 -7.54 45.11 1.26
C VAL B 325 -8.97 44.94 0.78
N SER B 326 -9.20 45.19 -0.52
CA SER B 326 -10.49 44.93 -1.17
C SER B 326 -10.43 43.79 -2.17
C1 GOL C . 11.37 -10.65 -6.98
O1 GOL C . 12.61 -10.06 -7.20
C2 GOL C . 10.87 -10.09 -5.66
O2 GOL C . 10.38 -8.83 -5.86
C3 GOL C . 9.88 -11.12 -5.15
O3 GOL C . 8.63 -10.96 -5.81
H11 GOL C . 10.73 -10.46 -7.69
H12 GOL C . 11.42 -11.62 -6.93
HO1 GOL C . 13.17 -10.68 -7.26
H2 GOL C . 11.56 -10.00 -4.99
HO2 GOL C . 10.65 -8.56 -6.62
H31 GOL C . 9.81 -11.01 -4.19
H32 GOL C . 10.26 -11.99 -5.27
HO3 GOL C . 8.03 -10.97 -5.20
C1 QMD D . -4.99 -16.97 -10.88
O1 QMD D . -5.50 -17.90 -9.93
C2 QMD D . -4.41 -17.64 -12.09
O2 QMD D . -4.81 -19.01 -12.21
C3 QMD D . -4.55 -22.54 -12.04
O3 QMD D . -3.08 -19.34 -10.58
C4 QMD D . -5.82 -22.43 -12.61
O4 QMD D . -5.40 -20.34 -10.24
C5 QMD D . -3.99 -23.71 -11.46
O5 QMD D . -3.80 -21.37 -11.97
C6 QMD D . -3.97 -16.10 -10.15
O6 QMD D . -4.77 -24.53 -10.91
C7 QMD D . -4.59 -14.73 -9.91
C8 QMD D . -5.92 -14.85 -9.18
C9 QMD D . -7.32 -12.93 -9.79
O8 QMD D . -2.78 -15.98 -10.87
C10 QMD D . -7.70 -11.60 -9.60
C11 QMD D . -7.12 -10.85 -8.60
C12 QMD D . -6.17 -11.39 -7.76
C13 QMD D . -5.59 -10.66 -6.72
C14 QMD D . -4.66 -11.21 -5.90
C15 QMD D . -4.27 -12.53 -6.07
C16 QMD D . -4.86 -13.30 -7.11
C17 QMD D . -5.81 -12.73 -7.95
C18 QMD D . -8.71 -11.03 -10.49
C19 QMD D . -8.82 -13.17 -11.62
N1 QMD D . -6.42 -13.49 -8.94
N2 QMD D . -9.21 -11.87 -11.44
N3 QMD D . -7.89 -13.67 -10.78
O10 QMD D . -3.43 -13.03 -5.34
O11 QMD D . -9.11 -9.89 -10.42
O12 QMD D . -9.30 -13.84 -12.49
O7 QMD D . -2.79 -23.87 -11.55
O9 QMD D . -4.78 -14.09 -11.14
P1 QMD D . -4.26 -20.05 -11.15
H2 QMD D . -5.74 -16.38 -11.17
H1 QMD D . -6.12 -18.37 -10.26
H4 QMD D . -4.70 -17.16 -12.89
H3 QMD D . -3.43 -17.60 -12.04
H6 QMD D . -6.38 -23.21 -12.69
H5 QMD D . -6.13 -21.58 -12.94
H7 QMD D . -3.77 -16.51 -9.27
H9 QMD D . -3.97 -14.19 -9.36
H11 QMD D . -5.80 -15.31 -8.33
H12 QMD D . -6.57 -15.34 -9.73
H8 QMD D . -2.44 -16.75 -10.98
H13 QMD D . -7.40 -9.95 -8.46
H14 QMD D . -5.84 -9.76 -6.58
H15 QMD D . -4.27 -10.70 -5.22
H16 QMD D . -4.60 -14.20 -7.24
H17 QMD D . -9.81 -11.55 -12.00
H10 QMD D . -5.30 -14.55 -11.63
H22 QMD D . -7.63 -14.50 -10.89
CA CA E . -7.17 8.41 -16.62
CA CA F . 19.89 -13.69 -10.77
C1 GOL G . 9.88 14.00 -0.73
O1 GOL G . 10.45 13.23 -1.77
C2 GOL G . 8.68 13.24 -0.21
O2 GOL G . 8.73 11.88 -0.55
C3 GOL G . 7.47 13.96 -0.78
O3 GOL G . 6.33 13.53 -0.01
H11 GOL G . 9.60 14.88 -1.04
H12 GOL G . 10.51 14.16 -0.01
HO1 GOL G . 11.26 13.11 -1.57
H2 GOL G . 8.64 13.25 0.76
HO2 GOL G . 8.18 11.46 -0.06
H31 GOL G . 7.63 14.92 -0.74
H32 GOL G . 7.39 13.76 -1.73
HO3 GOL G . 5.99 12.88 -0.43
#